data_4R0G
#
_entry.id   4R0G
#
_cell.length_a   79.636
_cell.length_b   111.706
_cell.length_c   167.958
_cell.angle_alpha   90.00
_cell.angle_beta   90.00
_cell.angle_gamma   90.00
#
_symmetry.space_group_name_H-M   'P 21 21 21'
#
_entity_poly.entity_id   1
_entity_poly.type   'polypeptide(L)'
_entity_poly.pdbx_seq_one_letter_code
;MLSSTKEYLQALRDGKYLLFLQWPKFIAEYYGKSDKNQEADEMVSLLIFEWLNNGFCLDDIKKFAILYAVHEMESRPLRE
GLSYALTTISIALFPCMVYLTNNLQEHYITSKKLSSKEVLQLMTMNNAYLEKQRFVEFLGQEQDKFFTWVKEADSSAVSK
AFDQIYSVTYLKYLIEDYLSLLESAHLPTDQLKSSRISLVVRLAKYLHEQTELTQDVHDEIAVYVKKLWEMQPAEFEEEF
LKKISPLPFIDNTVRILTGLSARFFSILQPPSPPLNINSDTDKNPKV
;
_entity_poly.pdbx_strand_id   A,B,C,D
#
# COMPACT_ATOMS: atom_id res chain seq x y z
N MET A 1 -30.12 -24.26 -5.68
CA MET A 1 -28.95 -25.02 -6.10
C MET A 1 -29.09 -25.56 -7.51
N LEU A 2 -28.01 -26.20 -7.97
CA LEU A 2 -28.00 -26.73 -9.31
C LEU A 2 -28.60 -28.15 -9.27
N SER A 3 -28.90 -28.74 -10.42
CA SER A 3 -29.52 -30.08 -10.44
C SER A 3 -28.61 -31.27 -10.86
N SER A 4 -27.37 -30.98 -11.23
CA SER A 4 -26.48 -31.96 -11.86
C SER A 4 -25.04 -31.79 -11.44
N THR A 5 -24.41 -32.91 -11.15
CA THR A 5 -22.96 -32.95 -11.03
C THR A 5 -22.32 -32.33 -12.27
N LYS A 6 -22.91 -32.62 -13.44
CA LYS A 6 -22.41 -32.04 -14.68
C LYS A 6 -22.44 -30.52 -14.54
N GLU A 7 -23.54 -30.02 -13.95
CA GLU A 7 -23.69 -28.60 -13.76
C GLU A 7 -22.57 -28.08 -12.86
N TYR A 8 -22.39 -28.73 -11.69
CA TYR A 8 -21.34 -28.33 -10.77
C TYR A 8 -19.94 -28.43 -11.38
N LEU A 9 -19.60 -29.58 -11.95
CA LEU A 9 -18.31 -29.71 -12.63
C LEU A 9 -18.13 -28.69 -13.77
N GLN A 10 -19.23 -28.28 -14.40
CA GLN A 10 -19.14 -27.23 -15.42
C GLN A 10 -18.65 -25.95 -14.78
N ALA A 11 -19.27 -25.59 -13.67
CA ALA A 11 -18.86 -24.43 -12.89
C ALA A 11 -17.38 -24.49 -12.54
N LEU A 12 -16.89 -25.68 -12.17
CA LEU A 12 -15.45 -25.85 -11.89
C LEU A 12 -14.59 -25.57 -13.14
N ARG A 13 -15.07 -25.99 -14.31
CA ARG A 13 -14.31 -25.81 -15.54
C ARG A 13 -14.36 -24.34 -15.96
N ASP A 14 -15.47 -23.68 -15.63
CA ASP A 14 -15.69 -22.27 -16.00
C ASP A 14 -14.94 -21.35 -15.07
N GLY A 15 -14.60 -21.86 -13.90
CA GLY A 15 -13.93 -21.07 -12.89
C GLY A 15 -14.86 -20.51 -11.82
N LYS A 16 -16.09 -20.98 -11.78
CA LYS A 16 -17.01 -20.41 -10.80
C LYS A 16 -16.88 -21.25 -9.52
N TYR A 17 -16.00 -20.81 -8.64
CA TYR A 17 -15.53 -21.72 -7.63
C TYR A 17 -16.44 -21.84 -6.41
N LEU A 18 -16.89 -20.70 -5.88
CA LEU A 18 -17.80 -20.68 -4.73
C LEU A 18 -19.01 -21.52 -5.03
N LEU A 19 -19.45 -21.45 -6.29
CA LEU A 19 -20.53 -22.31 -6.73
C LEU A 19 -20.09 -23.76 -6.80
N PHE A 20 -18.91 -24.02 -7.37
CA PHE A 20 -18.45 -25.40 -7.48
C PHE A 20 -18.40 -26.10 -6.13
N LEU A 21 -17.96 -25.37 -5.10
CA LEU A 21 -17.87 -25.81 -3.69
C LEU A 21 -19.21 -26.13 -3.02
N GLN A 22 -20.30 -25.89 -3.75
CA GLN A 22 -21.66 -26.11 -3.24
C GLN A 22 -22.10 -27.54 -3.58
N TRP A 23 -21.24 -28.17 -4.35
CA TRP A 23 -21.43 -29.52 -4.84
C TRP A 23 -21.70 -30.54 -3.76
N PRO A 24 -20.82 -30.60 -2.73
CA PRO A 24 -21.08 -31.69 -1.81
C PRO A 24 -22.39 -31.52 -1.00
N LYS A 25 -22.93 -30.31 -0.95
CA LYS A 25 -24.22 -30.08 -0.33
C LYS A 25 -25.36 -30.62 -1.22
N PHE A 26 -25.18 -30.52 -2.53
CA PHE A 26 -26.13 -31.08 -3.49
C PHE A 26 -26.11 -32.61 -3.47
N ILE A 27 -24.90 -33.15 -3.51
CA ILE A 27 -24.71 -34.59 -3.43
C ILE A 27 -25.37 -35.12 -2.16
N ALA A 28 -25.42 -34.33 -1.10
CA ALA A 28 -25.97 -34.83 0.14
C ALA A 28 -27.49 -34.89 0.06
N GLU A 29 -28.09 -34.00 -0.74
CA GLU A 29 -29.53 -34.02 -0.93
C GLU A 29 -30.02 -35.00 -1.99
N TYR A 30 -29.30 -35.04 -3.11
CA TYR A 30 -29.64 -35.95 -4.20
C TYR A 30 -29.66 -37.37 -3.67
N TYR A 31 -28.79 -37.69 -2.72
CA TYR A 31 -28.78 -39.03 -2.16
C TYR A 31 -29.49 -39.21 -0.81
N GLY A 32 -30.00 -38.13 -0.21
CA GLY A 32 -30.66 -38.21 1.09
C GLY A 32 -30.00 -37.42 2.20
N GLN A 38 -24.30 -38.97 7.24
CA GLN A 38 -23.27 -38.31 6.43
C GLN A 38 -21.81 -38.63 6.86
N GLU A 39 -21.53 -39.89 7.22
CA GLU A 39 -20.15 -40.32 7.53
C GLU A 39 -19.21 -40.01 6.36
N ALA A 40 -18.13 -39.27 6.64
CA ALA A 40 -17.32 -38.69 5.57
C ALA A 40 -16.86 -39.72 4.51
N ASP A 41 -16.65 -40.96 4.92
CA ASP A 41 -16.21 -42.00 3.98
C ASP A 41 -17.27 -42.24 2.91
N GLU A 42 -18.55 -42.11 3.30
CA GLU A 42 -19.67 -42.33 2.39
C GLU A 42 -19.75 -41.18 1.39
N MET A 43 -19.63 -39.99 1.95
CA MET A 43 -19.64 -38.73 1.22
C MET A 43 -18.50 -38.61 0.20
N VAL A 44 -17.37 -39.21 0.52
CA VAL A 44 -16.22 -39.19 -0.37
C VAL A 44 -16.45 -40.23 -1.45
N SER A 45 -17.13 -41.31 -1.05
CA SER A 45 -17.50 -42.37 -1.97
C SER A 45 -18.41 -41.86 -3.05
N LEU A 46 -19.50 -41.20 -2.65
CA LEU A 46 -20.41 -40.60 -3.63
C LEU A 46 -19.70 -39.62 -4.61
N LEU A 47 -18.94 -38.68 -4.04
CA LEU A 47 -18.09 -37.79 -4.84
C LEU A 47 -17.22 -38.53 -5.85
N ILE A 48 -16.61 -39.65 -5.48
CA ILE A 48 -15.76 -40.37 -6.44
C ILE A 48 -16.61 -40.95 -7.58
N PHE A 49 -17.67 -41.64 -7.20
CA PHE A 49 -18.60 -42.18 -8.17
C PHE A 49 -19.04 -41.08 -9.09
N GLU A 50 -19.58 -40.03 -8.50
CA GLU A 50 -20.19 -38.97 -9.27
C GLU A 50 -19.21 -38.27 -10.25
N TRP A 51 -18.01 -38.03 -9.79
CA TRP A 51 -17.07 -37.30 -10.60
C TRP A 51 -16.59 -38.18 -11.75
N LEU A 52 -16.58 -39.50 -11.52
CA LEU A 52 -16.11 -40.42 -12.54
C LEU A 52 -17.15 -40.62 -13.65
N ASN A 53 -18.42 -40.50 -13.29
CA ASN A 53 -19.48 -40.53 -14.28
C ASN A 53 -19.73 -39.19 -14.99
N ASN A 54 -19.21 -38.14 -14.42
CA ASN A 54 -19.38 -36.82 -14.98
C ASN A 54 -18.18 -36.31 -15.73
N GLY A 55 -17.34 -37.25 -16.10
CA GLY A 55 -16.25 -36.99 -17.04
C GLY A 55 -15.02 -36.41 -16.38
N PHE A 56 -14.65 -37.03 -15.26
CA PHE A 56 -13.41 -36.69 -14.59
C PHE A 56 -12.25 -36.70 -15.61
N CYS A 57 -11.38 -35.70 -15.52
CA CYS A 57 -10.32 -35.61 -16.49
C CYS A 57 -9.18 -34.69 -16.02
N LEU A 58 -8.11 -34.69 -16.80
CA LEU A 58 -6.88 -34.01 -16.44
C LEU A 58 -7.10 -32.51 -16.18
N ASP A 59 -7.91 -31.88 -17.01
CA ASP A 59 -8.22 -30.47 -16.84
C ASP A 59 -9.01 -30.19 -15.55
N ASP A 60 -9.87 -31.12 -15.14
CA ASP A 60 -10.65 -30.95 -13.90
C ASP A 60 -9.69 -30.81 -12.73
N ILE A 61 -8.63 -31.60 -12.78
CA ILE A 61 -7.60 -31.61 -11.76
C ILE A 61 -6.85 -30.29 -11.73
N LYS A 62 -6.41 -29.83 -12.90
CA LYS A 62 -5.60 -28.62 -12.97
C LYS A 62 -6.32 -27.34 -12.54
N LYS A 63 -7.62 -27.29 -12.79
CA LYS A 63 -8.41 -26.15 -12.38
C LYS A 63 -8.63 -26.25 -10.90
N PHE A 64 -8.81 -27.47 -10.43
CA PHE A 64 -9.02 -27.66 -9.01
C PHE A 64 -7.74 -27.26 -8.28
N ALA A 65 -6.60 -27.36 -8.97
CA ALA A 65 -5.32 -26.97 -8.38
C ALA A 65 -5.36 -25.47 -8.09
N ILE A 66 -5.87 -24.69 -9.05
CA ILE A 66 -6.00 -23.26 -8.84
C ILE A 66 -6.77 -23.01 -7.53
N LEU A 67 -7.95 -23.62 -7.43
CA LEU A 67 -8.80 -23.46 -6.26
C LEU A 67 -8.00 -23.71 -4.96
N TYR A 68 -7.28 -24.82 -4.93
CA TYR A 68 -6.47 -25.18 -3.76
C TYR A 68 -5.41 -24.14 -3.46
N ALA A 69 -4.66 -23.77 -4.48
CA ALA A 69 -3.61 -22.76 -4.32
C ALA A 69 -4.20 -21.54 -3.62
N VAL A 70 -5.44 -21.21 -3.99
CA VAL A 70 -6.15 -20.12 -3.34
C VAL A 70 -6.41 -20.46 -1.87
N HIS A 71 -6.82 -21.68 -1.59
CA HIS A 71 -7.14 -22.10 -0.24
C HIS A 71 -5.90 -21.98 0.66
N GLU A 72 -4.72 -21.98 0.06
CA GLU A 72 -3.49 -21.86 0.84
C GLU A 72 -2.92 -20.46 0.97
N MET A 73 -3.61 -19.44 0.41
CA MET A 73 -3.18 -18.06 0.64
C MET A 73 -3.30 -17.68 2.12
N GLU A 74 -2.45 -16.73 2.53
CA GLU A 74 -2.43 -16.28 3.91
C GLU A 74 -3.69 -15.49 4.26
N SER A 75 -4.33 -14.92 3.23
CA SER A 75 -5.54 -14.16 3.46
C SER A 75 -6.70 -15.11 3.76
N ARG A 76 -6.42 -16.42 3.61
CA ARG A 76 -7.32 -17.54 3.88
C ARG A 76 -8.78 -17.36 3.44
N PRO A 77 -9.01 -17.16 2.14
CA PRO A 77 -10.36 -16.80 1.70
C PRO A 77 -11.37 -17.92 1.98
N LEU A 78 -10.92 -19.15 2.19
CA LEU A 78 -11.90 -20.21 2.39
C LEU A 78 -11.78 -20.80 3.77
N ARG A 79 -12.71 -20.46 4.66
CA ARG A 79 -12.64 -20.91 6.04
C ARG A 79 -13.82 -21.82 6.28
N GLU A 80 -13.90 -22.43 7.46
CA GLU A 80 -15.09 -23.21 7.86
C GLU A 80 -15.65 -24.21 6.83
N GLY A 81 -16.95 -24.10 6.58
CA GLY A 81 -17.66 -25.01 5.71
C GLY A 81 -17.18 -24.95 4.28
N LEU A 82 -16.81 -23.77 3.82
CA LEU A 82 -16.23 -23.61 2.48
C LEU A 82 -14.95 -24.39 2.42
N SER A 83 -14.24 -24.39 3.54
CA SER A 83 -13.00 -25.12 3.64
C SER A 83 -13.23 -26.62 3.70
N TYR A 84 -14.17 -27.04 4.55
CA TYR A 84 -14.53 -28.47 4.64
C TYR A 84 -14.91 -29.00 3.27
N ALA A 85 -15.63 -28.20 2.49
CA ALA A 85 -16.03 -28.63 1.15
C ALA A 85 -14.79 -28.97 0.38
N LEU A 86 -13.89 -28.00 0.31
CA LEU A 86 -12.67 -28.09 -0.47
C LEU A 86 -11.87 -29.32 -0.11
N THR A 87 -11.66 -29.54 1.18
CA THR A 87 -10.84 -30.65 1.63
C THR A 87 -11.52 -31.99 1.38
N THR A 88 -12.83 -32.04 1.59
CA THR A 88 -13.58 -33.25 1.36
C THR A 88 -13.55 -33.60 -0.13
N ILE A 89 -13.48 -32.59 -0.98
CA ILE A 89 -13.43 -32.85 -2.40
C ILE A 89 -12.04 -33.37 -2.76
N SER A 90 -11.03 -32.88 -2.07
CA SER A 90 -9.66 -33.32 -2.37
C SER A 90 -9.46 -34.78 -1.97
N ILE A 91 -10.20 -35.21 -0.96
CA ILE A 91 -10.07 -36.59 -0.51
C ILE A 91 -10.71 -37.51 -1.53
N ALA A 92 -11.70 -36.99 -2.27
CA ALA A 92 -12.29 -37.77 -3.37
C ALA A 92 -11.42 -37.75 -4.61
N LEU A 93 -10.63 -36.69 -4.73
CA LEU A 93 -9.83 -36.40 -5.92
C LEU A 93 -8.75 -37.46 -6.18
N PHE A 94 -8.10 -37.85 -5.10
CA PHE A 94 -6.93 -38.70 -5.19
C PHE A 94 -7.29 -40.09 -5.68
N PRO A 95 -8.34 -40.71 -5.11
CA PRO A 95 -8.82 -41.98 -5.71
C PRO A 95 -9.13 -41.86 -7.20
N CYS A 96 -9.87 -40.83 -7.61
CA CYS A 96 -10.15 -40.61 -9.02
C CYS A 96 -8.85 -40.56 -9.85
N MET A 97 -7.83 -39.85 -9.35
CA MET A 97 -6.55 -39.79 -10.06
C MET A 97 -5.95 -41.19 -10.21
N VAL A 98 -6.10 -41.99 -9.16
CA VAL A 98 -5.60 -43.35 -9.17
C VAL A 98 -6.38 -44.18 -10.17
N TYR A 99 -7.70 -44.08 -10.11
CA TYR A 99 -8.56 -44.83 -11.02
C TYR A 99 -8.33 -44.42 -12.46
N LEU A 100 -8.07 -43.14 -12.70
CA LEU A 100 -7.85 -42.62 -14.05
C LEU A 100 -6.56 -43.16 -14.61
N THR A 101 -5.47 -42.96 -13.88
CA THR A 101 -4.16 -43.42 -14.35
C THR A 101 -4.13 -44.92 -14.65
N ASN A 102 -4.83 -45.69 -13.82
CA ASN A 102 -4.83 -47.16 -13.86
C ASN A 102 -5.98 -47.91 -14.57
N ASN A 103 -6.82 -47.17 -15.29
CA ASN A 103 -7.92 -47.75 -16.10
C ASN A 103 -8.98 -48.50 -15.32
N LEU A 104 -9.22 -48.08 -14.08
CA LEU A 104 -10.23 -48.70 -13.25
C LEU A 104 -11.60 -48.03 -13.41
N GLN A 105 -11.65 -46.87 -14.05
CA GLN A 105 -12.87 -46.07 -14.02
C GLN A 105 -14.10 -46.78 -14.61
N GLU A 106 -13.88 -47.65 -15.59
CA GLU A 106 -14.97 -48.38 -16.22
C GLU A 106 -15.85 -49.06 -15.19
N HIS A 107 -15.25 -49.65 -14.18
CA HIS A 107 -16.03 -50.42 -13.24
C HIS A 107 -16.86 -49.47 -12.42
N TYR A 108 -16.54 -48.18 -12.49
CA TYR A 108 -17.34 -47.18 -11.77
C TYR A 108 -18.42 -46.50 -12.62
N ILE A 109 -18.34 -46.68 -13.95
CA ILE A 109 -19.21 -45.96 -14.88
C ILE A 109 -20.46 -46.71 -15.33
N THR A 110 -21.62 -46.14 -15.00
CA THR A 110 -22.94 -46.65 -15.41
C THR A 110 -23.96 -45.51 -15.59
N SER A 111 -24.87 -45.72 -16.55
CA SER A 111 -26.00 -44.82 -16.79
C SER A 111 -27.17 -45.08 -15.83
N LYS A 112 -27.13 -46.21 -15.14
CA LYS A 112 -28.23 -46.57 -14.25
C LYS A 112 -28.23 -45.62 -13.07
N LYS A 113 -29.33 -44.91 -12.84
CA LYS A 113 -29.35 -43.97 -11.72
C LYS A 113 -29.50 -44.75 -10.40
N LEU A 114 -28.49 -44.68 -9.53
CA LEU A 114 -28.46 -45.53 -8.32
C LEU A 114 -28.83 -44.80 -7.02
N SER A 115 -28.98 -45.56 -5.93
CA SER A 115 -29.21 -44.95 -4.63
C SER A 115 -27.92 -44.93 -3.81
N SER A 116 -27.95 -44.29 -2.63
CA SER A 116 -26.73 -44.16 -1.84
C SER A 116 -26.26 -45.56 -1.46
N LYS A 117 -27.20 -46.38 -0.96
CA LYS A 117 -26.92 -47.78 -0.62
C LYS A 117 -26.46 -48.58 -1.82
N GLU A 118 -26.91 -48.18 -3.00
CA GLU A 118 -26.55 -48.91 -4.20
C GLU A 118 -25.15 -48.59 -4.67
N VAL A 119 -24.74 -47.33 -4.48
CA VAL A 119 -23.40 -46.88 -4.85
C VAL A 119 -22.35 -47.40 -3.89
N LEU A 120 -22.65 -47.30 -2.59
CA LEU A 120 -21.75 -47.83 -1.58
C LEU A 120 -21.49 -49.32 -1.82
N GLN A 121 -22.49 -50.01 -2.34
CA GLN A 121 -22.27 -51.41 -2.70
C GLN A 121 -21.38 -51.57 -3.91
N LEU A 122 -21.60 -50.74 -4.93
CA LEU A 122 -20.75 -50.73 -6.12
C LEU A 122 -19.33 -50.47 -5.67
N MET A 123 -19.19 -49.59 -4.69
CA MET A 123 -17.87 -49.15 -4.29
C MET A 123 -17.15 -50.32 -3.66
N THR A 124 -17.86 -51.06 -2.83
CA THR A 124 -17.25 -52.23 -2.17
C THR A 124 -16.97 -53.38 -3.12
N MET A 125 -17.77 -53.52 -4.17
CA MET A 125 -17.55 -54.56 -5.17
C MET A 125 -16.24 -54.32 -5.91
N ASN A 126 -16.03 -53.05 -6.23
CA ASN A 126 -14.87 -52.64 -7.01
C ASN A 126 -13.60 -52.59 -6.17
N ASN A 127 -13.76 -52.59 -4.86
CA ASN A 127 -12.63 -52.58 -3.94
C ASN A 127 -11.71 -53.77 -4.18
N ALA A 128 -12.21 -54.78 -4.88
CA ALA A 128 -11.45 -55.99 -5.09
C ALA A 128 -10.64 -55.97 -6.41
N TYR A 129 -10.65 -54.84 -7.10
CA TYR A 129 -9.86 -54.72 -8.31
C TYR A 129 -8.52 -53.99 -8.10
N LEU A 130 -8.26 -53.51 -6.89
CA LEU A 130 -6.95 -52.93 -6.52
C LEU A 130 -6.53 -53.35 -5.13
N GLU A 131 -5.39 -54.02 -5.00
CA GLU A 131 -4.93 -54.38 -3.67
C GLU A 131 -4.53 -53.13 -2.88
N LYS A 132 -4.88 -53.11 -1.58
CA LYS A 132 -4.71 -51.93 -0.69
C LYS A 132 -3.35 -51.30 -0.75
N GLN A 133 -2.30 -52.11 -0.74
CA GLN A 133 -0.94 -51.59 -0.66
C GLN A 133 -0.65 -50.73 -1.87
N ARG A 134 -0.94 -51.29 -3.03
CA ARG A 134 -0.88 -50.57 -4.30
C ARG A 134 -1.78 -49.33 -4.38
N PHE A 135 -2.98 -49.39 -3.80
CA PHE A 135 -3.86 -48.22 -3.78
C PHE A 135 -3.09 -47.11 -3.06
N VAL A 136 -2.57 -47.42 -1.88
CA VAL A 136 -1.86 -46.41 -1.10
C VAL A 136 -0.61 -45.85 -1.80
N GLU A 137 0.18 -46.70 -2.43
CA GLU A 137 1.32 -46.19 -3.22
C GLU A 137 0.86 -45.27 -4.35
N PHE A 138 -0.07 -45.77 -5.16
CA PHE A 138 -0.68 -44.97 -6.20
C PHE A 138 -1.20 -43.65 -5.65
N LEU A 139 -2.02 -43.75 -4.61
CA LEU A 139 -2.61 -42.60 -3.96
C LEU A 139 -1.57 -41.51 -3.64
N GLY A 140 -0.36 -41.90 -3.26
CA GLY A 140 0.67 -40.93 -2.92
C GLY A 140 1.32 -40.35 -4.14
N GLN A 141 1.44 -41.17 -5.16
CA GLN A 141 2.03 -40.74 -6.41
C GLN A 141 1.16 -39.69 -7.03
N GLU A 142 -0.15 -39.89 -6.97
CA GLU A 142 -1.06 -38.91 -7.51
C GLU A 142 -1.05 -37.63 -6.63
N GLN A 143 -0.98 -37.79 -5.32
CA GLN A 143 -0.89 -36.64 -4.44
C GLN A 143 0.35 -35.81 -4.73
N ASP A 144 1.44 -36.49 -5.03
CA ASP A 144 2.66 -35.80 -5.38
C ASP A 144 2.41 -35.01 -6.64
N LYS A 145 1.95 -35.71 -7.68
CA LYS A 145 1.65 -35.15 -9.03
C LYS A 145 0.76 -33.91 -8.93
N PHE A 146 -0.11 -33.92 -7.93
CA PHE A 146 -1.08 -32.85 -7.70
C PHE A 146 -0.47 -31.64 -7.04
N PHE A 147 0.09 -31.85 -5.85
CA PHE A 147 0.64 -30.74 -5.09
C PHE A 147 1.71 -29.97 -5.86
N THR A 148 2.42 -30.66 -6.74
CA THR A 148 3.36 -30.00 -7.66
C THR A 148 2.61 -29.04 -8.59
N TRP A 149 1.53 -29.52 -9.20
CA TRP A 149 0.66 -28.64 -9.98
C TRP A 149 0.11 -27.46 -9.16
N VAL A 150 0.03 -27.61 -7.85
CA VAL A 150 -0.46 -26.52 -7.03
C VAL A 150 0.62 -25.45 -6.90
N LYS A 151 1.84 -25.88 -6.60
CA LYS A 151 3.00 -24.99 -6.68
C LYS A 151 3.15 -24.28 -8.03
N GLU A 152 2.73 -24.92 -9.11
CA GLU A 152 2.88 -24.37 -10.45
C GLU A 152 1.70 -23.58 -10.98
N ALA A 153 0.62 -23.48 -10.20
CA ALA A 153 -0.61 -22.83 -10.68
C ALA A 153 -0.36 -21.41 -11.20
N ASP A 154 -1.00 -21.05 -12.33
CA ASP A 154 -0.80 -19.73 -12.93
C ASP A 154 -1.10 -18.66 -11.90
N SER A 155 -0.10 -17.81 -11.64
CA SER A 155 -0.25 -16.73 -10.68
C SER A 155 -1.36 -15.77 -11.13
N SER A 156 -1.48 -15.58 -12.44
CA SER A 156 -2.58 -14.80 -12.98
C SER A 156 -3.91 -15.41 -12.56
N ALA A 157 -4.09 -16.70 -12.83
CA ALA A 157 -5.39 -17.38 -12.66
C ALA A 157 -5.82 -17.49 -11.22
N VAL A 158 -4.82 -17.65 -10.35
CA VAL A 158 -5.01 -17.80 -8.91
C VAL A 158 -5.41 -16.48 -8.33
N SER A 159 -4.63 -15.45 -8.65
CA SER A 159 -4.90 -14.08 -8.23
C SER A 159 -6.29 -13.60 -8.65
N LYS A 160 -6.76 -14.05 -9.81
CA LYS A 160 -8.10 -13.69 -10.25
C LYS A 160 -9.17 -14.44 -9.46
N ALA A 161 -8.95 -15.70 -9.17
CA ALA A 161 -9.94 -16.48 -8.42
C ALA A 161 -10.05 -15.88 -7.05
N PHE A 162 -8.90 -15.53 -6.51
CA PHE A 162 -8.82 -14.97 -5.18
C PHE A 162 -9.73 -13.76 -5.01
N ASP A 163 -9.50 -12.75 -5.84
CA ASP A 163 -10.23 -11.50 -5.67
C ASP A 163 -11.71 -11.73 -5.76
N GLN A 164 -12.11 -12.69 -6.59
CA GLN A 164 -13.54 -12.94 -6.79
C GLN A 164 -14.20 -13.93 -5.82
N ILE A 165 -13.39 -14.75 -5.17
CA ILE A 165 -13.87 -15.55 -4.04
C ILE A 165 -13.94 -14.69 -2.78
N TYR A 166 -12.86 -13.96 -2.52
CA TYR A 166 -12.75 -13.22 -1.28
C TYR A 166 -13.75 -12.10 -1.29
N SER A 167 -14.02 -11.60 -2.48
CA SER A 167 -15.03 -10.59 -2.69
C SER A 167 -16.30 -10.94 -1.93
N VAL A 168 -16.77 -12.17 -2.11
CA VAL A 168 -17.97 -12.64 -1.44
C VAL A 168 -17.66 -13.07 -0.05
N THR A 169 -16.56 -13.77 0.08
CA THR A 169 -16.32 -14.55 1.26
C THR A 169 -15.98 -13.65 2.45
N TYR A 170 -15.28 -12.55 2.19
CA TYR A 170 -14.91 -11.61 3.24
C TYR A 170 -16.15 -11.07 3.94
N LEU A 171 -17.16 -10.70 3.14
CA LEU A 171 -18.49 -10.34 3.63
C LEU A 171 -19.11 -11.41 4.50
N LYS A 172 -18.92 -12.67 4.10
CA LYS A 172 -19.55 -13.79 4.79
C LYS A 172 -19.07 -13.85 6.24
N TYR A 173 -17.75 -13.84 6.43
CA TYR A 173 -17.17 -13.99 7.77
C TYR A 173 -17.43 -12.77 8.64
N LEU A 174 -17.34 -11.58 8.05
CA LEU A 174 -17.54 -10.36 8.82
C LEU A 174 -18.92 -10.37 9.45
N ILE A 175 -19.90 -10.83 8.67
CA ILE A 175 -21.31 -10.81 9.07
C ILE A 175 -21.57 -11.81 10.17
N GLU A 176 -20.83 -12.90 10.16
CA GLU A 176 -20.93 -13.89 11.22
C GLU A 176 -20.40 -13.23 12.52
N ASP A 177 -19.34 -12.44 12.40
CA ASP A 177 -18.71 -11.85 13.56
C ASP A 177 -19.54 -10.71 14.14
N TYR A 178 -20.24 -10.01 13.26
CA TYR A 178 -21.22 -9.03 13.70
C TYR A 178 -22.27 -9.77 14.51
N LEU A 179 -22.80 -10.84 13.93
CA LEU A 179 -23.87 -11.60 14.57
C LEU A 179 -23.55 -11.99 16.01
N SER A 180 -22.46 -12.70 16.23
CA SER A 180 -22.16 -13.19 17.59
C SER A 180 -21.92 -12.05 18.57
N LEU A 181 -21.30 -10.97 18.10
CA LEU A 181 -21.07 -9.80 18.95
C LEU A 181 -22.41 -9.13 19.39
N LEU A 182 -23.35 -9.02 18.47
CA LEU A 182 -24.66 -8.45 18.76
C LEU A 182 -25.37 -9.31 19.81
N GLU A 183 -25.36 -10.64 19.60
CA GLU A 183 -25.94 -11.61 20.54
C GLU A 183 -25.30 -11.49 21.93
N SER A 184 -24.00 -11.25 21.96
CA SER A 184 -23.17 -11.22 23.16
C SER A 184 -23.07 -9.83 23.74
N ALA A 185 -23.89 -8.92 23.23
CA ALA A 185 -23.83 -7.54 23.71
C ALA A 185 -24.76 -7.34 24.90
N HIS A 186 -24.34 -6.49 25.83
CA HIS A 186 -25.20 -6.24 26.97
C HIS A 186 -26.04 -5.01 26.67
N LEU A 187 -27.33 -5.22 26.44
CA LEU A 187 -28.21 -4.15 26.00
C LEU A 187 -29.54 -4.21 26.72
N PRO A 188 -29.57 -3.65 27.94
CA PRO A 188 -30.73 -3.54 28.83
C PRO A 188 -31.87 -2.62 28.32
N THR A 189 -31.52 -1.40 27.90
CA THR A 189 -32.49 -0.42 27.38
C THR A 189 -32.96 -0.81 25.97
N ASP A 190 -32.11 -1.53 25.26
CA ASP A 190 -32.29 -1.66 23.83
C ASP A 190 -33.38 -2.70 23.58
N GLN A 191 -34.52 -2.23 23.10
CA GLN A 191 -35.66 -3.10 22.87
C GLN A 191 -35.66 -3.59 21.44
N LEU A 192 -34.80 -3.00 20.63
CA LEU A 192 -34.70 -3.34 19.23
C LEU A 192 -33.63 -4.41 18.93
N LYS A 193 -32.78 -4.69 19.92
CA LYS A 193 -31.70 -5.66 19.78
C LYS A 193 -32.19 -7.00 19.24
N SER A 194 -33.34 -7.43 19.71
CA SER A 194 -33.85 -8.71 19.29
C SER A 194 -34.27 -8.65 17.82
N SER A 195 -34.87 -7.55 17.40
CA SER A 195 -35.30 -7.48 16.02
C SER A 195 -34.13 -7.16 15.08
N ARG A 196 -33.05 -6.66 15.65
CA ARG A 196 -31.82 -6.37 14.91
C ARG A 196 -30.99 -7.64 14.72
N ILE A 197 -30.97 -8.50 15.73
CA ILE A 197 -30.36 -9.81 15.57
C ILE A 197 -31.06 -10.58 14.46
N SER A 198 -32.38 -10.62 14.54
CA SER A 198 -33.20 -11.27 13.52
C SER A 198 -32.84 -10.82 12.10
N LEU A 199 -32.48 -9.55 11.97
CA LEU A 199 -32.08 -9.01 10.68
C LEU A 199 -30.72 -9.53 10.21
N VAL A 200 -29.78 -9.65 11.12
CA VAL A 200 -28.43 -10.09 10.76
C VAL A 200 -28.44 -11.56 10.35
N VAL A 201 -29.19 -12.35 11.11
CA VAL A 201 -29.36 -13.77 10.83
C VAL A 201 -29.90 -14.00 9.42
N ARG A 202 -30.87 -13.19 9.04
CA ARG A 202 -31.49 -13.37 7.74
C ARG A 202 -30.55 -12.89 6.66
N LEU A 203 -29.84 -11.80 6.93
CA LEU A 203 -28.78 -11.35 6.04
C LEU A 203 -27.72 -12.45 5.86
N ALA A 204 -27.29 -13.04 6.99
CA ALA A 204 -26.35 -14.15 6.94
C ALA A 204 -26.91 -15.28 6.05
N LYS A 205 -28.19 -15.61 6.27
CA LYS A 205 -28.87 -16.65 5.50
C LYS A 205 -28.98 -16.30 4.01
N TYR A 206 -29.30 -15.05 3.69
CA TYR A 206 -29.44 -14.66 2.29
C TYR A 206 -28.08 -14.80 1.60
N LEU A 207 -27.05 -14.30 2.26
CA LEU A 207 -25.73 -14.30 1.69
C LEU A 207 -25.15 -15.70 1.57
N HIS A 208 -25.70 -16.66 2.31
CA HIS A 208 -25.10 -17.99 2.36
C HIS A 208 -25.24 -18.69 1.03
N GLU A 209 -26.29 -18.33 0.31
CA GLU A 209 -26.57 -18.93 -0.98
C GLU A 209 -25.83 -18.22 -2.14
N GLN A 210 -25.11 -17.16 -1.87
CA GLN A 210 -24.63 -16.35 -2.98
C GLN A 210 -23.18 -16.59 -3.38
N THR A 211 -22.93 -16.79 -4.68
CA THR A 211 -21.56 -17.07 -5.14
C THR A 211 -20.79 -15.88 -5.72
N GLU A 212 -21.45 -14.74 -5.88
CA GLU A 212 -20.81 -13.52 -6.35
C GLU A 212 -21.62 -12.28 -5.99
N LEU A 213 -20.99 -11.11 -5.98
CA LEU A 213 -21.77 -9.92 -5.66
C LEU A 213 -22.30 -9.28 -6.97
N THR A 214 -23.59 -9.48 -7.22
CA THR A 214 -24.18 -9.00 -8.44
C THR A 214 -25.09 -7.88 -8.00
N GLN A 215 -25.73 -7.22 -8.96
CA GLN A 215 -26.53 -6.05 -8.65
C GLN A 215 -27.57 -6.39 -7.60
N ASP A 216 -28.21 -7.54 -7.78
CA ASP A 216 -29.22 -8.02 -6.84
C ASP A 216 -28.67 -8.13 -5.44
N VAL A 217 -27.43 -8.57 -5.33
CA VAL A 217 -26.91 -8.89 -4.03
C VAL A 217 -26.64 -7.62 -3.27
N HIS A 218 -25.92 -6.74 -3.95
CA HIS A 218 -25.69 -5.40 -3.44
C HIS A 218 -27.03 -4.76 -3.01
N ASP A 219 -28.03 -4.90 -3.83
CA ASP A 219 -29.32 -4.35 -3.46
C ASP A 219 -29.96 -5.01 -2.23
N GLU A 220 -29.99 -6.36 -2.12
CA GLU A 220 -30.55 -6.98 -0.89
C GLU A 220 -29.76 -6.60 0.35
N ILE A 221 -28.42 -6.75 0.28
CA ILE A 221 -27.55 -6.36 1.37
C ILE A 221 -27.89 -4.95 1.85
N ALA A 222 -27.97 -4.03 0.90
CA ALA A 222 -28.37 -2.67 1.21
C ALA A 222 -29.74 -2.61 1.93
N VAL A 223 -30.69 -3.46 1.55
CA VAL A 223 -32.01 -3.44 2.20
C VAL A 223 -31.91 -3.82 3.69
N TYR A 224 -31.11 -4.86 3.96
CA TYR A 224 -30.84 -5.27 5.33
C TYR A 224 -30.10 -4.19 6.09
N VAL A 225 -29.00 -3.70 5.53
CA VAL A 225 -28.22 -2.69 6.23
C VAL A 225 -29.07 -1.45 6.50
N LYS A 226 -29.93 -1.12 5.55
CA LYS A 226 -30.81 0.00 5.78
C LYS A 226 -31.70 -0.24 6.98
N LYS A 227 -32.46 -1.34 6.99
CA LYS A 227 -33.34 -1.70 8.13
C LYS A 227 -32.60 -1.70 9.47
N LEU A 228 -31.40 -2.28 9.48
CA LEU A 228 -30.52 -2.20 10.67
C LEU A 228 -30.24 -0.77 11.16
N TRP A 229 -29.92 0.15 10.26
CA TRP A 229 -29.73 1.54 10.67
C TRP A 229 -30.99 2.09 11.33
N GLU A 230 -32.13 1.71 10.79
CA GLU A 230 -33.37 2.22 11.34
C GLU A 230 -33.74 1.57 12.67
N MET A 231 -32.96 0.57 13.07
CA MET A 231 -33.20 -0.12 14.32
C MET A 231 -32.39 0.48 15.47
N GLN A 232 -31.68 1.56 15.17
CA GLN A 232 -30.91 2.30 16.17
C GLN A 232 -29.83 1.48 16.86
N PRO A 233 -28.81 1.08 16.09
CA PRO A 233 -27.73 0.19 16.55
C PRO A 233 -26.78 0.85 17.55
N ALA A 234 -26.00 0.00 18.23
CA ALA A 234 -25.02 0.47 19.20
C ALA A 234 -23.85 1.08 18.47
N GLU A 235 -22.93 1.70 19.21
CA GLU A 235 -21.80 2.36 18.59
C GLU A 235 -20.96 1.36 17.79
N PHE A 236 -20.62 0.25 18.45
CA PHE A 236 -19.84 -0.79 17.83
C PHE A 236 -20.49 -1.41 16.59
N GLU A 237 -21.81 -1.56 16.60
CA GLU A 237 -22.49 -2.11 15.42
C GLU A 237 -22.17 -1.28 14.17
N GLU A 238 -21.99 0.03 14.33
CA GLU A 238 -21.86 0.99 13.21
C GLU A 238 -20.68 0.69 12.29
N GLU A 239 -19.57 0.29 12.87
CA GLU A 239 -18.39 0.00 12.06
C GLU A 239 -18.73 -1.14 11.12
N PHE A 240 -19.36 -2.17 11.68
CA PHE A 240 -19.85 -3.29 10.88
C PHE A 240 -20.77 -2.87 9.75
N LEU A 241 -21.86 -2.17 10.07
CA LEU A 241 -22.76 -1.70 9.03
C LEU A 241 -22.02 -0.93 7.91
N LYS A 242 -21.03 -0.13 8.29
CA LYS A 242 -20.26 0.63 7.33
C LYS A 242 -19.56 -0.30 6.35
N LYS A 243 -18.79 -1.24 6.89
CA LYS A 243 -18.05 -2.17 6.03
C LYS A 243 -18.98 -3.02 5.14
N ILE A 244 -20.01 -3.62 5.73
CA ILE A 244 -21.00 -4.43 5.00
C ILE A 244 -21.59 -3.81 3.72
N SER A 245 -22.13 -2.61 3.80
CA SER A 245 -22.59 -1.91 2.59
C SER A 245 -21.94 -0.54 2.46
N PRO A 246 -20.67 -0.51 1.98
CA PRO A 246 -19.96 0.77 1.90
C PRO A 246 -20.27 1.48 0.58
N LEU A 247 -19.61 2.61 0.35
CA LEU A 247 -19.74 3.32 -0.91
C LEU A 247 -18.34 3.63 -1.43
N PRO A 248 -17.65 2.63 -2.01
CA PRO A 248 -16.24 2.86 -2.38
C PRO A 248 -16.07 3.64 -3.67
N PHE A 249 -16.44 4.93 -3.64
CA PHE A 249 -16.34 5.83 -4.78
C PHE A 249 -14.95 5.77 -5.36
N ILE A 250 -13.98 5.43 -4.52
CA ILE A 250 -12.61 5.31 -4.96
C ILE A 250 -12.48 4.08 -5.84
N ASP A 251 -12.70 2.91 -5.25
CA ASP A 251 -12.65 1.63 -5.96
C ASP A 251 -13.47 1.67 -7.24
N ASN A 252 -14.65 2.29 -7.17
CA ASN A 252 -15.44 2.55 -8.38
C ASN A 252 -14.53 3.24 -9.37
N THR A 253 -13.98 4.38 -8.97
CA THR A 253 -13.09 5.18 -9.80
C THR A 253 -11.74 4.51 -10.13
N VAL A 254 -11.35 3.48 -9.37
CA VAL A 254 -10.12 2.74 -9.70
C VAL A 254 -10.35 1.70 -10.80
N ARG A 255 -11.49 1.02 -10.76
CA ARG A 255 -11.80 -0.07 -11.70
C ARG A 255 -12.17 0.46 -13.09
N ILE A 256 -12.91 1.57 -13.12
CA ILE A 256 -13.18 2.30 -14.37
C ILE A 256 -11.88 2.57 -15.08
N LEU A 257 -10.96 3.17 -14.34
CA LEU A 257 -9.65 3.52 -14.86
C LEU A 257 -8.82 2.27 -15.18
N THR A 258 -9.31 1.10 -14.77
CA THR A 258 -8.55 -0.15 -14.92
C THR A 258 -8.72 -0.82 -16.29
N MET B 1 11.59 -4.20 20.14
CA MET B 1 11.59 -4.97 21.37
C MET B 1 11.52 -4.08 22.61
N LEU B 2 10.63 -4.42 23.54
CA LEU B 2 10.55 -3.68 24.81
C LEU B 2 11.60 -4.17 25.81
N SER B 3 11.70 -3.48 26.95
CA SER B 3 12.75 -3.77 27.92
C SER B 3 12.37 -4.75 29.03
N SER B 4 11.06 -4.95 29.22
CA SER B 4 10.56 -5.70 30.38
C SER B 4 9.29 -6.48 30.08
N THR B 5 9.07 -7.52 30.88
CA THR B 5 7.76 -8.15 31.00
C THR B 5 6.73 -7.19 31.56
N LYS B 6 7.18 -6.29 32.45
CA LYS B 6 6.30 -5.27 33.03
C LYS B 6 5.78 -4.27 31.99
N GLU B 7 6.57 -4.00 30.96
CA GLU B 7 6.14 -3.13 29.88
C GLU B 7 5.12 -3.85 28.97
N TYR B 8 5.36 -5.15 28.78
CA TYR B 8 4.51 -5.96 27.94
C TYR B 8 3.18 -6.13 28.62
N LEU B 9 3.18 -6.52 29.90
CA LEU B 9 1.92 -6.59 30.62
C LEU B 9 1.28 -5.21 30.79
N GLN B 10 2.02 -4.15 30.46
CA GLN B 10 1.41 -2.83 30.47
C GLN B 10 0.58 -2.69 29.22
N ALA B 11 1.22 -3.00 28.08
CA ALA B 11 0.58 -2.98 26.77
C ALA B 11 -0.75 -3.73 26.79
N LEU B 12 -0.75 -4.90 27.40
CA LEU B 12 -1.97 -5.69 27.56
C LEU B 12 -3.05 -4.86 28.29
N ARG B 13 -2.69 -4.27 29.42
CA ARG B 13 -3.64 -3.47 30.19
C ARG B 13 -4.01 -2.19 29.44
N ASP B 14 -3.13 -1.77 28.54
CA ASP B 14 -3.36 -0.59 27.69
C ASP B 14 -4.08 -0.91 26.37
N GLY B 15 -4.55 -2.14 26.21
CA GLY B 15 -5.24 -2.55 25.00
C GLY B 15 -4.39 -2.38 23.76
N LYS B 16 -3.10 -2.66 23.93
CA LYS B 16 -2.07 -2.48 22.91
C LYS B 16 -1.73 -3.73 22.07
N TYR B 17 -2.67 -4.68 22.08
CA TYR B 17 -2.47 -6.13 21.86
C TYR B 17 -1.52 -6.64 20.80
N LEU B 18 -1.42 -5.98 19.65
CA LEU B 18 -0.44 -6.42 18.68
C LEU B 18 0.96 -6.46 19.32
N LEU B 19 1.19 -5.48 20.20
CA LEU B 19 2.46 -5.30 20.91
C LEU B 19 2.66 -6.39 21.95
N PHE B 20 1.68 -6.56 22.82
CA PHE B 20 1.73 -7.57 23.87
C PHE B 20 1.99 -8.99 23.33
N LEU B 21 1.66 -9.22 22.06
CA LEU B 21 1.87 -10.54 21.48
C LEU B 21 3.35 -10.79 21.18
N GLN B 22 4.15 -9.75 21.29
CA GLN B 22 5.57 -9.90 21.09
C GLN B 22 6.24 -10.38 22.38
N TRP B 23 5.49 -10.34 23.47
CA TRP B 23 5.93 -10.82 24.78
C TRP B 23 6.66 -12.17 24.76
N PRO B 24 6.12 -13.17 24.04
CA PRO B 24 6.87 -14.42 23.92
C PRO B 24 8.13 -14.36 23.04
N LYS B 25 8.25 -13.33 22.21
CA LYS B 25 9.45 -13.14 21.43
C LYS B 25 10.53 -12.54 22.31
N PHE B 26 10.09 -11.87 23.38
CA PHE B 26 10.99 -11.20 24.34
C PHE B 26 11.70 -12.23 25.20
N ILE B 27 10.91 -13.15 25.75
CA ILE B 27 11.40 -14.23 26.59
C ILE B 27 12.33 -15.16 25.80
N ALA B 28 12.26 -15.07 24.47
CA ALA B 28 13.13 -15.85 23.60
C ALA B 28 14.56 -15.40 23.72
N GLU B 29 14.79 -14.09 23.69
CA GLU B 29 16.14 -13.57 23.79
C GLU B 29 16.63 -13.34 25.24
N TYR B 30 15.69 -13.26 26.19
CA TYR B 30 16.02 -12.93 27.57
C TYR B 30 16.34 -14.19 28.39
N TYR B 31 16.43 -15.33 27.74
CA TYR B 31 16.86 -16.56 28.40
C TYR B 31 17.68 -17.38 27.41
N GLU B 39 12.57 -25.10 22.76
CA GLU B 39 11.36 -25.88 22.99
C GLU B 39 10.28 -25.04 23.68
N ALA B 40 9.02 -25.43 23.48
CA ALA B 40 7.87 -24.70 24.03
C ALA B 40 7.39 -25.21 25.39
N ASP B 41 7.98 -26.31 25.86
CA ASP B 41 7.73 -26.84 27.20
C ASP B 41 8.32 -25.87 28.23
N GLU B 42 9.54 -25.43 27.92
CA GLU B 42 10.28 -24.45 28.70
C GLU B 42 9.57 -23.12 28.60
N MET B 43 9.23 -22.76 27.38
CA MET B 43 8.57 -21.50 27.06
C MET B 43 7.37 -21.13 27.96
N VAL B 44 6.34 -21.99 27.94
CA VAL B 44 5.13 -21.76 28.73
C VAL B 44 5.41 -21.61 30.24
N SER B 45 6.41 -22.33 30.73
CA SER B 45 6.80 -22.23 32.14
C SER B 45 7.53 -20.92 32.46
N LEU B 46 8.32 -20.41 31.51
CA LEU B 46 8.93 -19.08 31.69
C LEU B 46 7.86 -18.01 31.88
N LEU B 47 6.82 -18.04 31.05
CA LEU B 47 5.76 -17.03 31.10
C LEU B 47 4.90 -17.18 32.36
N ILE B 48 4.89 -18.36 32.96
CA ILE B 48 4.16 -18.55 34.20
C ILE B 48 4.94 -17.84 35.33
N PHE B 49 6.25 -18.09 35.37
CA PHE B 49 7.16 -17.41 36.29
C PHE B 49 7.02 -15.91 36.08
N GLU B 50 7.24 -15.49 34.84
CA GLU B 50 7.23 -14.11 34.43
C GLU B 50 5.96 -13.33 34.76
N TRP B 51 4.82 -13.99 34.67
CA TRP B 51 3.54 -13.32 34.89
C TRP B 51 3.23 -13.17 36.38
N LEU B 52 3.55 -14.21 37.15
CA LEU B 52 3.36 -14.20 38.62
C LEU B 52 4.28 -13.20 39.38
N ASN B 53 5.54 -13.15 39.00
CA ASN B 53 6.48 -12.16 39.52
C ASN B 53 6.17 -10.75 39.04
N ASN B 54 5.52 -10.63 37.90
CA ASN B 54 5.10 -9.36 37.32
C ASN B 54 3.65 -8.89 37.56
N GLY B 55 3.00 -9.45 38.57
CA GLY B 55 1.69 -8.96 39.00
C GLY B 55 0.47 -9.44 38.24
N PHE B 56 0.41 -10.75 38.11
CA PHE B 56 -0.75 -11.44 37.59
C PHE B 56 -1.95 -11.05 38.44
N CYS B 57 -2.99 -10.55 37.78
CA CYS B 57 -4.21 -10.16 38.48
C CYS B 57 -5.44 -10.62 37.73
N LEU B 58 -6.60 -10.26 38.27
CA LEU B 58 -7.89 -10.59 37.69
C LEU B 58 -8.14 -9.70 36.49
N ASP B 59 -7.68 -8.46 36.59
CA ASP B 59 -7.74 -7.51 35.49
C ASP B 59 -6.92 -8.02 34.29
N ASP B 60 -5.82 -8.73 34.56
CA ASP B 60 -4.99 -9.25 33.49
C ASP B 60 -5.73 -10.33 32.72
N ILE B 61 -6.28 -11.28 33.48
CA ILE B 61 -7.12 -12.30 32.91
C ILE B 61 -8.26 -11.65 32.12
N LYS B 62 -9.03 -10.79 32.78
CA LYS B 62 -10.15 -10.14 32.09
C LYS B 62 -9.78 -9.38 30.81
N LYS B 63 -8.58 -8.81 30.73
CA LYS B 63 -8.22 -8.07 29.53
C LYS B 63 -7.69 -8.96 28.40
N PHE B 64 -7.31 -10.17 28.77
CA PHE B 64 -6.91 -11.17 27.79
C PHE B 64 -8.14 -11.76 27.13
N ALA B 65 -9.21 -11.91 27.94
CA ALA B 65 -10.44 -12.50 27.45
C ALA B 65 -10.97 -11.68 26.27
N ILE B 66 -10.68 -10.38 26.25
CA ILE B 66 -10.92 -9.62 25.03
C ILE B 66 -10.05 -10.14 23.88
N LEU B 67 -8.73 -10.09 24.06
CA LEU B 67 -7.80 -10.59 23.05
C LEU B 67 -8.17 -12.00 22.58
N TYR B 68 -8.58 -12.86 23.49
CA TYR B 68 -8.79 -14.22 23.07
C TYR B 68 -10.07 -14.22 22.25
N ALA B 69 -11.04 -13.43 22.67
CA ALA B 69 -12.29 -13.36 21.94
C ALA B 69 -12.04 -12.84 20.49
N VAL B 70 -11.17 -11.86 20.36
CA VAL B 70 -10.76 -11.40 19.05
C VAL B 70 -10.12 -12.52 18.25
N HIS B 71 -9.41 -13.40 18.91
CA HIS B 71 -8.72 -14.47 18.22
C HIS B 71 -9.69 -15.44 17.56
N GLU B 72 -10.85 -15.62 18.20
CA GLU B 72 -11.88 -16.57 17.73
C GLU B 72 -12.83 -16.02 16.67
N MET B 73 -12.72 -14.73 16.38
CA MET B 73 -13.50 -14.10 15.33
C MET B 73 -13.37 -14.84 14.00
N GLU B 74 -14.48 -14.92 13.29
CA GLU B 74 -14.56 -15.68 12.08
C GLU B 74 -13.68 -15.07 11.01
N SER B 75 -13.35 -13.79 11.16
CA SER B 75 -12.47 -13.14 10.20
C SER B 75 -10.99 -13.30 10.54
N ARG B 76 -10.72 -14.04 11.63
CA ARG B 76 -9.39 -14.50 12.00
C ARG B 76 -8.27 -13.50 11.73
N PRO B 77 -8.29 -12.36 12.44
CA PRO B 77 -7.24 -11.33 12.28
C PRO B 77 -5.88 -11.86 12.75
N LEU B 78 -5.89 -12.72 13.76
CA LEU B 78 -4.62 -13.26 14.26
C LEU B 78 -4.39 -14.66 13.75
N ARG B 79 -3.45 -14.80 12.83
CA ARG B 79 -3.17 -16.13 12.31
C ARG B 79 -1.68 -16.37 12.10
N GLU B 80 -1.28 -17.64 12.17
CA GLU B 80 0.13 -18.04 12.14
C GLU B 80 0.92 -17.49 13.29
N GLY B 81 2.02 -16.80 13.01
CA GLY B 81 2.94 -16.41 14.06
C GLY B 81 2.21 -15.84 15.26
N LEU B 82 1.32 -14.89 14.97
CA LEU B 82 0.52 -14.26 15.99
C LEU B 82 -0.44 -15.24 16.67
N SER B 83 -0.85 -16.26 15.94
CA SER B 83 -1.79 -17.17 16.56
C SER B 83 -1.09 -18.13 17.50
N TYR B 84 0.16 -18.48 17.17
CA TYR B 84 1.00 -19.21 18.11
C TYR B 84 1.18 -18.38 19.39
N ALA B 85 1.56 -17.10 19.23
CA ALA B 85 1.79 -16.25 20.38
C ALA B 85 0.58 -16.32 21.32
N LEU B 86 -0.59 -16.01 20.75
CA LEU B 86 -1.84 -15.99 21.51
C LEU B 86 -2.13 -17.28 22.26
N THR B 87 -2.14 -18.41 21.56
CA THR B 87 -2.44 -19.68 22.22
C THR B 87 -1.36 -20.07 23.22
N THR B 88 -0.10 -19.79 22.91
CA THR B 88 0.99 -20.14 23.82
C THR B 88 0.76 -19.50 25.17
N ILE B 89 0.61 -18.18 25.15
CA ILE B 89 0.36 -17.39 26.34
C ILE B 89 -0.85 -17.94 27.08
N SER B 90 -1.85 -18.39 26.34
CA SER B 90 -3.11 -18.82 26.94
C SER B 90 -2.91 -20.11 27.69
N ILE B 91 -2.04 -20.96 27.17
CA ILE B 91 -1.68 -22.19 27.85
C ILE B 91 -1.09 -21.89 29.21
N ALA B 92 -0.35 -20.78 29.30
CA ALA B 92 0.28 -20.31 30.55
C ALA B 92 -0.73 -19.70 31.52
N LEU B 93 -1.63 -18.88 31.00
CA LEU B 93 -2.64 -18.20 31.82
C LEU B 93 -3.43 -19.15 32.73
N PHE B 94 -3.70 -20.37 32.28
CA PHE B 94 -4.47 -21.32 33.10
C PHE B 94 -3.74 -21.84 34.33
N PRO B 95 -2.47 -22.21 34.18
CA PRO B 95 -1.74 -22.56 35.40
C PRO B 95 -1.64 -21.40 36.38
N CYS B 96 -1.30 -20.21 35.87
CA CYS B 96 -1.30 -19.03 36.72
C CYS B 96 -2.64 -18.91 37.43
N MET B 97 -3.73 -19.14 36.69
CA MET B 97 -5.07 -19.11 37.27
C MET B 97 -5.27 -20.15 38.36
N VAL B 98 -4.66 -21.32 38.19
CA VAL B 98 -4.68 -22.32 39.25
C VAL B 98 -3.86 -21.84 40.47
N TYR B 99 -2.70 -21.26 40.20
CA TYR B 99 -1.80 -20.81 41.25
C TYR B 99 -2.37 -19.68 42.08
N LEU B 100 -2.85 -18.62 41.44
CA LEU B 100 -3.44 -17.49 42.16
C LEU B 100 -4.68 -17.87 42.98
N THR B 101 -5.42 -18.89 42.56
CA THR B 101 -6.67 -19.29 43.23
C THR B 101 -6.48 -20.14 44.48
N ASN B 102 -5.56 -21.10 44.41
CA ASN B 102 -5.28 -21.98 45.54
C ASN B 102 -4.11 -21.50 46.44
N ASN B 103 -3.66 -20.26 46.16
CA ASN B 103 -2.63 -19.57 46.94
C ASN B 103 -1.25 -20.21 46.90
N LEU B 104 -0.84 -20.62 45.70
CA LEU B 104 0.52 -21.05 45.46
C LEU B 104 1.38 -19.98 44.79
N GLN B 105 0.82 -18.78 44.58
CA GLN B 105 1.50 -17.77 43.78
C GLN B 105 2.76 -17.27 44.45
N GLU B 106 2.88 -17.54 45.75
CA GLU B 106 3.98 -17.00 46.53
C GLU B 106 5.29 -17.73 46.32
N HIS B 107 5.22 -19.06 46.38
CA HIS B 107 6.42 -19.89 46.17
C HIS B 107 7.08 -19.58 44.83
N TYR B 108 6.30 -19.02 43.90
CA TYR B 108 6.80 -18.60 42.60
C TYR B 108 7.48 -17.22 42.56
N ILE B 109 6.96 -16.27 43.36
CA ILE B 109 7.47 -14.90 43.41
C ILE B 109 8.82 -14.81 44.12
N THR B 110 9.77 -14.10 43.49
CA THR B 110 11.13 -13.92 44.04
C THR B 110 11.72 -12.53 43.79
N SER B 111 12.98 -12.38 44.21
CA SER B 111 13.82 -11.19 43.99
C SER B 111 14.82 -11.53 42.89
N LYS B 112 15.53 -12.63 43.12
CA LYS B 112 16.72 -13.04 42.36
C LYS B 112 16.48 -13.07 40.88
N LYS B 113 17.53 -12.73 40.12
CA LYS B 113 17.45 -12.82 38.69
C LYS B 113 17.94 -14.24 38.31
N LEU B 114 16.96 -15.10 38.04
CA LEU B 114 17.17 -16.52 37.70
C LEU B 114 17.52 -16.79 36.23
N SER B 115 18.07 -17.97 35.98
CA SER B 115 18.37 -18.40 34.63
C SER B 115 17.37 -19.50 34.23
N SER B 116 17.14 -19.66 32.93
CA SER B 116 16.14 -20.58 32.40
C SER B 116 16.13 -21.93 33.09
N LYS B 117 17.33 -22.44 33.36
CA LYS B 117 17.53 -23.73 33.99
C LYS B 117 17.13 -23.71 35.46
N GLU B 118 17.39 -22.59 36.11
CA GLU B 118 17.11 -22.45 37.54
C GLU B 118 15.62 -22.20 37.78
N VAL B 119 14.98 -21.55 36.80
CA VAL B 119 13.55 -21.29 36.84
C VAL B 119 12.79 -22.61 36.82
N LEU B 120 13.04 -23.38 35.78
CA LEU B 120 12.39 -24.68 35.59
C LEU B 120 12.68 -25.59 36.79
N GLN B 121 13.84 -25.34 37.42
CA GLN B 121 14.25 -26.06 38.61
C GLN B 121 13.26 -25.89 39.75
N LEU B 122 12.89 -24.65 40.06
CA LEU B 122 12.04 -24.45 41.24
C LEU B 122 10.60 -24.82 40.95
N MET B 123 10.19 -24.63 39.70
CA MET B 123 8.84 -24.97 39.27
C MET B 123 8.65 -26.47 39.32
N THR B 124 9.75 -27.19 39.11
CA THR B 124 9.78 -28.64 39.28
C THR B 124 9.57 -29.02 40.74
N MET B 125 10.22 -28.28 41.63
CA MET B 125 10.12 -28.53 43.06
C MET B 125 8.75 -28.18 43.60
N ASN B 126 8.28 -26.99 43.20
CA ASN B 126 6.95 -26.49 43.56
C ASN B 126 5.81 -27.46 43.22
N ASN B 127 6.05 -28.33 42.24
CA ASN B 127 5.06 -29.32 41.84
C ASN B 127 4.64 -30.21 43.02
N ALA B 128 5.46 -30.20 44.07
CA ALA B 128 5.14 -30.95 45.29
C ALA B 128 3.93 -30.38 46.03
N TYR B 129 3.68 -29.07 45.88
CA TYR B 129 2.57 -28.40 46.58
C TYR B 129 1.21 -28.76 45.99
N LEU B 130 1.24 -29.32 44.78
CA LEU B 130 0.02 -29.67 44.07
C LEU B 130 0.14 -31.09 43.55
N GLU B 131 -0.75 -31.97 44.00
CA GLU B 131 -0.77 -33.32 43.45
C GLU B 131 -1.11 -33.22 41.97
N LYS B 132 -0.48 -34.10 41.18
CA LYS B 132 -0.63 -34.11 39.73
C LYS B 132 -2.09 -34.18 39.30
N GLN B 133 -2.91 -34.84 40.12
CA GLN B 133 -4.34 -35.03 39.85
C GLN B 133 -5.16 -33.77 40.08
N ARG B 134 -4.81 -33.00 41.12
CA ARG B 134 -5.53 -31.77 41.44
C ARG B 134 -5.15 -30.59 40.55
N PHE B 135 -3.86 -30.53 40.18
CA PHE B 135 -3.34 -29.54 39.24
C PHE B 135 -4.24 -29.55 38.02
N VAL B 136 -4.48 -30.75 37.51
CA VAL B 136 -5.31 -30.92 36.36
C VAL B 136 -6.77 -30.52 36.63
N GLU B 137 -7.32 -30.91 37.78
CA GLU B 137 -8.72 -30.57 38.10
C GLU B 137 -8.97 -29.07 38.20
N PHE B 138 -8.04 -28.36 38.80
CA PHE B 138 -8.15 -26.91 38.89
C PHE B 138 -7.98 -26.29 37.50
N LEU B 139 -7.10 -26.90 36.71
CA LEU B 139 -6.77 -26.40 35.38
C LEU B 139 -8.01 -26.34 34.53
N GLY B 140 -8.79 -27.42 34.60
CA GLY B 140 -10.07 -27.51 33.92
C GLY B 140 -11.09 -26.48 34.41
N GLN B 141 -11.17 -26.31 35.73
CA GLN B 141 -12.10 -25.37 36.34
C GLN B 141 -11.69 -23.93 36.03
N GLU B 142 -10.39 -23.69 35.99
CA GLU B 142 -9.87 -22.36 35.65
C GLU B 142 -10.14 -22.05 34.19
N GLN B 143 -10.03 -23.08 33.36
CA GLN B 143 -10.36 -22.96 31.96
C GLN B 143 -11.80 -22.51 31.86
N ASP B 144 -12.69 -23.27 32.48
CA ASP B 144 -14.13 -22.97 32.49
C ASP B 144 -14.39 -21.52 32.87
N LYS B 145 -13.84 -21.14 34.02
CA LYS B 145 -14.05 -19.81 34.60
C LYS B 145 -13.54 -18.72 33.66
N PHE B 146 -12.56 -19.08 32.83
CA PHE B 146 -11.98 -18.16 31.87
C PHE B 146 -12.89 -17.94 30.67
N PHE B 147 -13.20 -19.05 30.01
CA PHE B 147 -14.05 -19.07 28.83
C PHE B 147 -15.41 -18.38 29.03
N THR B 148 -15.99 -18.50 30.22
CA THR B 148 -17.15 -17.66 30.56
C THR B 148 -16.82 -16.16 30.46
N TRP B 149 -15.66 -15.72 30.96
CA TRP B 149 -15.28 -14.31 30.85
C TRP B 149 -15.01 -13.95 29.41
N VAL B 150 -14.54 -14.93 28.64
CA VAL B 150 -14.40 -14.74 27.21
C VAL B 150 -15.77 -14.46 26.62
N LYS B 151 -16.81 -15.15 27.09
CA LYS B 151 -18.16 -14.88 26.62
C LYS B 151 -18.72 -13.52 27.10
N GLU B 152 -18.35 -13.11 28.31
CA GLU B 152 -18.90 -11.88 28.91
C GLU B 152 -18.12 -10.65 28.47
N ALA B 153 -17.12 -10.88 27.63
CA ALA B 153 -16.27 -9.81 27.14
C ALA B 153 -17.09 -8.71 26.46
N ASP B 154 -16.93 -7.47 26.93
CA ASP B 154 -17.72 -6.36 26.39
C ASP B 154 -17.50 -6.24 24.88
N SER B 155 -18.58 -6.26 24.12
CA SER B 155 -18.44 -6.38 22.68
C SER B 155 -18.01 -5.09 22.02
N SER B 156 -18.13 -3.98 22.74
CA SER B 156 -17.64 -2.71 22.22
C SER B 156 -16.12 -2.75 22.27
N ALA B 157 -15.59 -3.33 23.34
CA ALA B 157 -14.15 -3.42 23.51
C ALA B 157 -13.55 -4.43 22.53
N VAL B 158 -14.25 -5.55 22.33
CA VAL B 158 -13.84 -6.59 21.39
C VAL B 158 -13.78 -6.04 19.97
N SER B 159 -14.86 -5.38 19.58
CA SER B 159 -14.99 -4.84 18.24
C SER B 159 -13.91 -3.81 17.94
N LYS B 160 -13.78 -2.83 18.82
CA LYS B 160 -12.82 -1.75 18.64
C LYS B 160 -11.41 -2.31 18.58
N ALA B 161 -11.14 -3.33 19.39
CA ALA B 161 -9.83 -4.01 19.39
C ALA B 161 -9.53 -4.63 18.03
N PHE B 162 -10.56 -5.25 17.48
CA PHE B 162 -10.48 -5.95 16.21
C PHE B 162 -10.02 -5.12 15.02
N ASP B 163 -10.69 -3.97 14.79
CA ASP B 163 -10.29 -3.03 13.74
C ASP B 163 -8.81 -2.71 13.89
N GLN B 164 -8.46 -2.37 15.14
CA GLN B 164 -7.14 -1.98 15.53
C GLN B 164 -6.13 -3.01 15.06
N ILE B 165 -6.36 -4.26 15.44
CA ILE B 165 -5.46 -5.33 15.06
C ILE B 165 -5.51 -5.58 13.54
N TYR B 166 -6.73 -5.79 13.04
CA TYR B 166 -6.97 -6.21 11.65
C TYR B 166 -6.56 -5.14 10.66
N SER B 167 -6.69 -3.86 11.04
CA SER B 167 -6.23 -2.77 10.16
C SER B 167 -4.82 -3.06 9.64
N VAL B 168 -3.97 -3.52 10.55
CA VAL B 168 -2.59 -3.85 10.24
C VAL B 168 -2.50 -5.22 9.62
N THR B 169 -2.98 -6.17 10.41
CA THR B 169 -2.88 -7.57 10.14
C THR B 169 -3.32 -7.95 8.71
N TYR B 170 -4.41 -7.36 8.22
CA TYR B 170 -4.94 -7.71 6.92
C TYR B 170 -3.85 -7.51 5.87
N LEU B 171 -3.31 -6.29 5.80
CA LEU B 171 -2.25 -5.95 4.86
C LEU B 171 -1.06 -6.89 4.95
N LYS B 172 -0.82 -7.44 6.14
CA LYS B 172 0.30 -8.34 6.40
C LYS B 172 0.16 -9.63 5.59
N TYR B 173 -1.06 -10.16 5.56
CA TYR B 173 -1.37 -11.35 4.79
C TYR B 173 -1.58 -11.02 3.32
N LEU B 174 -2.32 -9.97 3.06
CA LEU B 174 -2.50 -9.51 1.68
C LEU B 174 -1.13 -9.40 1.03
N ILE B 175 -0.19 -8.78 1.74
CA ILE B 175 1.13 -8.54 1.20
C ILE B 175 1.94 -9.83 1.14
N GLU B 176 1.88 -10.60 2.22
CA GLU B 176 2.53 -11.89 2.30
C GLU B 176 2.16 -12.74 1.09
N ASP B 177 0.89 -12.66 0.68
CA ASP B 177 0.33 -13.43 -0.43
C ASP B 177 0.76 -12.83 -1.75
N TYR B 178 1.00 -11.52 -1.76
CA TYR B 178 1.45 -10.86 -2.97
C TYR B 178 2.87 -11.29 -3.29
N LEU B 179 3.60 -11.63 -2.24
CA LEU B 179 5.00 -12.01 -2.34
C LEU B 179 5.14 -13.38 -3.00
N SER B 180 4.62 -14.44 -2.36
CA SER B 180 4.72 -15.80 -2.90
C SER B 180 4.13 -15.95 -4.31
N LEU B 181 3.16 -15.11 -4.63
CA LEU B 181 2.54 -15.17 -5.94
C LEU B 181 3.50 -14.60 -6.95
N LEU B 182 4.30 -13.64 -6.49
CA LEU B 182 5.30 -12.97 -7.32
C LEU B 182 6.59 -13.79 -7.47
N GLU B 183 7.05 -14.38 -6.36
CA GLU B 183 8.25 -15.20 -6.38
C GLU B 183 8.16 -16.29 -7.45
N SER B 184 7.00 -16.93 -7.53
CA SER B 184 6.78 -18.04 -8.47
C SER B 184 6.08 -17.69 -9.80
N ALA B 185 5.86 -16.39 -10.05
CA ALA B 185 5.18 -15.92 -11.27
C ALA B 185 6.00 -16.12 -12.55
N ARG B 196 12.40 -6.50 -7.75
CA ARG B 196 11.00 -6.39 -7.36
C ARG B 196 10.67 -7.20 -6.09
N ILE B 197 11.19 -8.42 -6.01
CA ILE B 197 11.00 -9.27 -4.83
C ILE B 197 11.75 -8.75 -3.60
N SER B 198 13.05 -8.52 -3.75
CA SER B 198 13.91 -7.94 -2.70
C SER B 198 13.33 -6.63 -2.18
N LEU B 199 12.67 -5.88 -3.06
CA LEU B 199 11.94 -4.67 -2.73
C LEU B 199 10.79 -4.92 -1.75
N VAL B 200 9.90 -5.84 -2.12
CA VAL B 200 8.66 -6.05 -1.37
C VAL B 200 8.92 -6.57 0.05
N VAL B 201 9.93 -7.42 0.20
CA VAL B 201 10.28 -7.98 1.50
C VAL B 201 10.46 -6.89 2.56
N ARG B 202 10.95 -5.73 2.14
CA ARG B 202 11.08 -4.58 3.03
C ARG B 202 9.71 -4.08 3.44
N LEU B 203 8.79 -4.00 2.46
CA LEU B 203 7.41 -3.66 2.75
C LEU B 203 6.81 -4.72 3.66
N ALA B 204 7.25 -5.96 3.50
CA ALA B 204 6.84 -7.02 4.42
C ALA B 204 7.49 -6.82 5.80
N LYS B 205 8.78 -6.47 5.80
CA LYS B 205 9.52 -6.27 7.04
C LYS B 205 9.24 -4.92 7.68
N TYR B 206 8.95 -3.91 6.86
CA TYR B 206 8.46 -2.64 7.39
C TYR B 206 7.19 -2.91 8.17
N LEU B 207 6.16 -3.36 7.45
CA LEU B 207 4.84 -3.57 8.04
C LEU B 207 4.88 -4.54 9.22
N HIS B 208 5.84 -5.46 9.21
CA HIS B 208 5.96 -6.46 10.27
C HIS B 208 6.16 -5.79 11.63
N GLU B 209 6.85 -4.65 11.62
CA GLU B 209 7.22 -3.96 12.84
C GLU B 209 6.08 -3.11 13.42
N GLN B 210 5.10 -2.75 12.60
CA GLN B 210 4.06 -1.83 13.06
C GLN B 210 3.02 -2.47 13.96
N THR B 211 2.66 -1.76 15.01
CA THR B 211 1.63 -2.20 15.94
C THR B 211 0.28 -1.61 15.55
N GLU B 212 0.31 -0.58 14.71
CA GLU B 212 -0.93 0.07 14.29
C GLU B 212 -0.77 0.87 13.00
N LEU B 213 -1.89 1.15 12.34
CA LEU B 213 -1.80 1.89 11.10
C LEU B 213 -1.90 3.35 11.49
N THR B 214 -0.77 4.03 11.46
CA THR B 214 -0.73 5.44 11.83
C THR B 214 -0.94 6.15 10.50
N GLN B 215 -1.63 7.30 10.52
CA GLN B 215 -1.84 8.06 9.30
C GLN B 215 -0.49 8.45 8.67
N ASP B 216 0.57 8.38 9.48
CA ASP B 216 1.94 8.57 9.00
C ASP B 216 2.45 7.28 8.36
N VAL B 217 1.94 6.14 8.85
CA VAL B 217 2.30 4.83 8.34
C VAL B 217 1.68 4.53 6.97
N HIS B 218 0.41 4.92 6.78
CA HIS B 218 -0.25 4.75 5.48
C HIS B 218 0.47 5.59 4.42
N ASP B 219 1.13 6.65 4.86
CA ASP B 219 1.91 7.51 3.97
C ASP B 219 3.13 6.77 3.43
N GLU B 220 3.91 6.15 4.32
CA GLU B 220 5.07 5.35 3.90
C GLU B 220 4.69 4.16 3.00
N ILE B 221 3.46 3.66 3.15
CA ILE B 221 2.97 2.58 2.28
C ILE B 221 2.99 3.03 0.83
N ALA B 222 2.29 4.11 0.53
CA ALA B 222 2.27 4.68 -0.81
C ALA B 222 3.69 4.90 -1.37
N VAL B 223 4.63 5.24 -0.49
CA VAL B 223 6.02 5.42 -0.87
C VAL B 223 6.69 4.09 -1.28
N TYR B 224 5.98 2.99 -1.02
CA TYR B 224 6.37 1.65 -1.48
C TYR B 224 5.68 1.31 -2.82
N VAL B 225 4.34 1.34 -2.81
CA VAL B 225 3.50 1.02 -3.97
C VAL B 225 4.05 1.66 -5.23
N LYS B 226 4.32 2.96 -5.16
CA LYS B 226 4.86 3.72 -6.28
C LYS B 226 6.22 3.18 -6.76
N LYS B 227 7.11 2.91 -5.81
CA LYS B 227 8.49 2.46 -6.09
C LYS B 227 8.59 1.06 -6.73
N LEU B 228 7.53 0.28 -6.63
CA LEU B 228 7.48 -1.02 -7.31
C LEU B 228 7.23 -0.89 -8.83
N TRP B 229 6.38 0.06 -9.22
CA TRP B 229 5.99 0.24 -10.64
C TRP B 229 7.16 0.29 -11.58
N GLU B 230 8.25 0.85 -11.05
CA GLU B 230 9.53 0.97 -11.75
C GLU B 230 10.08 -0.36 -12.28
N MET B 231 10.11 -1.37 -11.41
CA MET B 231 10.67 -2.68 -11.76
C MET B 231 9.72 -3.50 -12.64
N ALA B 234 2.62 -6.44 -14.39
CA ALA B 234 1.93 -7.73 -14.54
C ALA B 234 0.48 -7.59 -14.10
N GLU B 235 -0.46 -7.93 -15.00
CA GLU B 235 -1.90 -7.71 -14.78
C GLU B 235 -2.41 -8.32 -13.47
N PHE B 236 -1.69 -9.33 -12.97
CA PHE B 236 -2.09 -9.98 -11.72
C PHE B 236 -1.71 -9.17 -10.46
N GLU B 237 -0.55 -8.51 -10.51
CA GLU B 237 -0.10 -7.65 -9.41
C GLU B 237 -1.10 -6.52 -9.16
N GLU B 238 -1.96 -6.28 -10.14
CA GLU B 238 -2.85 -5.14 -10.13
C GLU B 238 -3.74 -5.10 -8.90
N GLU B 239 -4.75 -5.98 -8.87
CA GLU B 239 -5.82 -5.88 -7.88
C GLU B 239 -5.30 -5.91 -6.45
N PHE B 240 -4.04 -6.32 -6.29
CA PHE B 240 -3.37 -6.31 -5.00
C PHE B 240 -3.03 -4.89 -4.56
N LEU B 241 -2.37 -4.13 -5.44
CA LEU B 241 -2.09 -2.72 -5.16
C LEU B 241 -3.39 -1.96 -4.94
N LYS B 242 -4.38 -2.23 -5.80
CA LYS B 242 -5.72 -1.66 -5.66
C LYS B 242 -6.29 -1.89 -4.27
N LYS B 243 -5.96 -3.04 -3.68
CA LYS B 243 -6.41 -3.36 -2.32
C LYS B 243 -5.45 -2.82 -1.26
N ILE B 244 -4.26 -2.39 -1.67
CA ILE B 244 -3.29 -1.82 -0.72
C ILE B 244 -3.40 -0.28 -0.69
N SER B 245 -2.95 0.37 -1.77
CA SER B 245 -2.99 1.83 -1.90
C SER B 245 -3.62 2.26 -3.22
N PRO B 246 -4.95 2.40 -3.22
CA PRO B 246 -5.68 2.74 -4.46
C PRO B 246 -5.30 4.11 -5.03
N LEU B 247 -5.24 5.13 -4.17
CA LEU B 247 -5.05 6.51 -4.61
C LEU B 247 -3.78 6.78 -5.43
N PRO B 248 -2.64 6.16 -5.07
CA PRO B 248 -1.47 6.40 -5.92
C PRO B 248 -1.73 5.92 -7.34
N PHE B 249 -2.51 4.85 -7.48
CA PHE B 249 -2.83 4.32 -8.80
C PHE B 249 -3.59 5.34 -9.64
N ILE B 250 -4.74 5.78 -9.11
CA ILE B 250 -5.58 6.78 -9.76
C ILE B 250 -4.77 7.98 -10.25
N ASP B 251 -3.81 8.42 -9.45
CA ASP B 251 -2.88 9.47 -9.86
C ASP B 251 -1.98 8.98 -10.99
N ASN B 252 -1.35 7.83 -10.78
CA ASN B 252 -0.37 7.26 -11.72
C ASN B 252 -0.97 6.99 -13.11
N THR B 253 -2.23 6.58 -13.14
CA THR B 253 -2.87 6.27 -14.41
C THR B 253 -3.35 7.51 -15.15
N VAL B 254 -3.94 8.46 -14.43
CA VAL B 254 -4.40 9.69 -15.06
C VAL B 254 -3.22 10.50 -15.61
N ARG B 255 -2.06 10.40 -14.95
CA ARG B 255 -0.85 11.06 -15.42
C ARG B 255 -0.50 10.73 -16.88
N ILE B 256 -0.72 9.46 -17.26
CA ILE B 256 -0.47 8.99 -18.64
C ILE B 256 -1.64 9.31 -19.58
N LEU B 257 -2.84 9.28 -19.03
CA LEU B 257 -4.07 9.49 -19.79
C LEU B 257 -4.15 10.90 -20.39
N THR B 258 -3.29 11.80 -19.89
CA THR B 258 -3.22 13.16 -20.41
C THR B 258 -2.08 13.37 -21.43
N GLY B 259 -1.39 12.28 -21.80
CA GLY B 259 -0.28 12.33 -22.79
C GLY B 259 -0.69 12.78 -24.20
N MET C 1 -7.88 28.94 8.64
CA MET C 1 -8.95 28.07 8.15
C MET C 1 -10.36 28.71 8.21
N LEU C 2 -11.04 28.69 7.07
CA LEU C 2 -12.30 29.41 6.89
C LEU C 2 -13.44 28.71 7.62
N SER C 3 -14.63 29.33 7.69
CA SER C 3 -15.72 28.68 8.42
C SER C 3 -16.81 28.00 7.57
N SER C 4 -16.72 28.13 6.26
CA SER C 4 -17.80 27.68 5.38
C SER C 4 -17.29 26.80 4.26
N THR C 5 -18.20 26.05 3.65
CA THR C 5 -17.84 25.33 2.46
C THR C 5 -17.87 26.29 1.30
N LYS C 6 -18.72 27.29 1.43
CA LYS C 6 -18.90 28.26 0.37
C LYS C 6 -17.59 28.99 0.21
N GLU C 7 -17.02 29.34 1.36
CA GLU C 7 -15.76 30.07 1.42
C GLU C 7 -14.62 29.37 0.68
N TYR C 8 -14.49 28.05 0.82
CA TYR C 8 -13.50 27.32 0.03
C TYR C 8 -13.86 27.21 -1.47
N LEU C 9 -15.13 27.17 -1.82
CA LEU C 9 -15.44 27.06 -3.22
C LEU C 9 -15.24 28.40 -3.89
N GLN C 10 -15.30 29.46 -3.09
CA GLN C 10 -15.12 30.81 -3.65
C GLN C 10 -13.70 30.89 -4.18
N ALA C 11 -12.76 30.54 -3.30
CA ALA C 11 -11.35 30.52 -3.64
C ALA C 11 -11.11 29.80 -4.97
N LEU C 12 -11.69 28.62 -5.14
CA LEU C 12 -11.57 27.91 -6.43
C LEU C 12 -11.98 28.83 -7.56
N ARG C 13 -13.14 29.45 -7.40
CA ARG C 13 -13.76 30.23 -8.47
C ARG C 13 -12.91 31.44 -8.83
N ASP C 14 -12.30 32.03 -7.80
CA ASP C 14 -11.41 33.17 -7.97
C ASP C 14 -10.00 32.76 -8.38
N GLY C 15 -9.65 31.50 -8.14
CA GLY C 15 -8.35 30.98 -8.55
C GLY C 15 -7.31 30.89 -7.45
N LYS C 16 -7.70 31.07 -6.18
CA LYS C 16 -6.70 30.89 -5.15
C LYS C 16 -6.77 29.40 -4.81
N TYR C 17 -5.88 28.65 -5.45
CA TYR C 17 -5.97 27.21 -5.51
C TYR C 17 -5.39 26.56 -4.27
N LEU C 18 -4.31 27.12 -3.73
CA LEU C 18 -3.68 26.53 -2.57
C LEU C 18 -4.62 26.68 -1.40
N LEU C 19 -5.48 27.69 -1.47
CA LEU C 19 -6.42 27.92 -0.39
C LEU C 19 -7.49 26.87 -0.59
N PHE C 20 -7.92 26.74 -1.83
CA PHE C 20 -8.88 25.71 -2.20
C PHE C 20 -8.51 24.29 -1.71
N LEU C 21 -7.25 23.93 -1.79
CA LEU C 21 -6.82 22.59 -1.43
C LEU C 21 -6.92 22.34 0.06
N GLN C 22 -7.35 23.33 0.81
CA GLN C 22 -7.48 23.16 2.25
C GLN C 22 -8.88 22.77 2.61
N TRP C 23 -9.71 22.61 1.60
CA TRP C 23 -11.10 22.20 1.76
C TRP C 23 -11.26 20.84 2.44
N PRO C 24 -10.58 19.78 1.96
CA PRO C 24 -10.76 18.50 2.65
C PRO C 24 -10.43 18.60 4.13
N LYS C 25 -9.37 19.33 4.48
CA LYS C 25 -9.01 19.54 5.87
C LYS C 25 -10.15 20.21 6.64
N PHE C 26 -10.85 21.12 5.99
CA PHE C 26 -11.97 21.79 6.64
C PHE C 26 -13.10 20.82 6.91
N ILE C 27 -13.45 20.06 5.87
CA ILE C 27 -14.52 19.08 5.94
C ILE C 27 -14.29 18.24 7.19
N ALA C 28 -13.10 17.66 7.32
CA ALA C 28 -12.78 16.78 8.43
C ALA C 28 -12.97 17.43 9.81
N GLU C 29 -12.73 18.73 9.88
CA GLU C 29 -12.84 19.47 11.13
C GLU C 29 -14.30 19.71 11.42
N TYR C 30 -15.04 20.02 10.36
CA TYR C 30 -16.46 20.34 10.46
C TYR C 30 -17.27 19.20 11.02
N TYR C 31 -17.10 18.03 10.40
CA TYR C 31 -17.91 16.86 10.70
C TYR C 31 -17.28 15.92 11.72
N GLY C 32 -16.15 16.32 12.31
CA GLY C 32 -15.48 15.52 13.33
C GLY C 32 -14.86 14.25 12.77
N GLU C 39 -10.48 6.42 6.76
CA GLU C 39 -11.78 7.05 6.58
C GLU C 39 -11.89 7.71 5.21
N ALA C 40 -11.08 7.21 4.26
CA ALA C 40 -10.98 7.83 2.93
C ALA C 40 -12.33 8.06 2.25
N ASP C 41 -13.11 6.99 2.10
CA ASP C 41 -14.36 7.06 1.34
C ASP C 41 -15.45 7.96 1.95
N GLU C 42 -15.36 8.20 3.26
CA GLU C 42 -16.30 9.07 3.96
C GLU C 42 -16.00 10.50 3.61
N MET C 43 -14.71 10.77 3.40
CA MET C 43 -14.26 12.09 2.95
C MET C 43 -14.83 12.46 1.59
N VAL C 44 -14.59 11.61 0.61
CA VAL C 44 -15.09 11.83 -0.73
C VAL C 44 -16.59 12.10 -0.71
N SER C 45 -17.36 11.19 -0.10
CA SER C 45 -18.82 11.36 -0.07
C SER C 45 -19.23 12.64 0.65
N LEU C 46 -18.45 13.00 1.65
CA LEU C 46 -18.65 14.26 2.33
C LEU C 46 -18.36 15.45 1.41
N LEU C 47 -17.32 15.31 0.58
CA LEU C 47 -16.99 16.36 -0.39
C LEU C 47 -18.09 16.47 -1.42
N ILE C 48 -18.40 15.34 -2.05
CA ILE C 48 -19.50 15.22 -3.01
C ILE C 48 -20.78 15.87 -2.48
N PHE C 49 -21.15 15.54 -1.25
CA PHE C 49 -22.37 16.08 -0.67
C PHE C 49 -22.28 17.57 -0.48
N GLU C 50 -21.14 17.98 0.08
CA GLU C 50 -20.98 19.36 0.51
C GLU C 50 -20.80 20.24 -0.73
N TRP C 51 -20.26 19.63 -1.80
CA TRP C 51 -20.13 20.34 -3.06
C TRP C 51 -21.50 20.64 -3.66
N LEU C 52 -22.28 19.59 -3.90
CA LEU C 52 -23.60 19.70 -4.54
C LEU C 52 -24.57 20.67 -3.85
N ASN C 53 -24.51 20.76 -2.52
CA ASN C 53 -25.37 21.72 -1.82
C ASN C 53 -24.94 23.17 -1.97
N ASN C 54 -23.66 23.38 -2.31
CA ASN C 54 -23.26 24.72 -2.73
C ASN C 54 -22.85 24.73 -4.19
N GLY C 55 -23.75 25.20 -5.06
CA GLY C 55 -23.38 25.66 -6.39
C GLY C 55 -22.45 24.85 -7.28
N PHE C 56 -22.72 23.57 -7.58
CA PHE C 56 -21.68 22.85 -8.31
C PHE C 56 -21.88 23.13 -9.80
N CYS C 57 -21.08 24.08 -10.25
CA CYS C 57 -21.19 24.62 -11.59
C CYS C 57 -20.41 23.92 -12.68
N LEU C 58 -20.84 24.16 -13.92
CA LEU C 58 -20.06 23.73 -15.05
C LEU C 58 -18.73 24.52 -15.04
N ASP C 59 -18.80 25.74 -14.52
CA ASP C 59 -17.64 26.61 -14.31
C ASP C 59 -16.67 26.00 -13.31
N ASP C 60 -17.23 25.49 -12.21
CA ASP C 60 -16.46 24.83 -11.15
C ASP C 60 -15.64 23.64 -11.64
N ILE C 61 -16.15 22.93 -12.64
CA ILE C 61 -15.38 21.85 -13.24
C ILE C 61 -14.20 22.36 -14.06
N LYS C 62 -14.43 23.46 -14.80
CA LYS C 62 -13.42 24.00 -15.72
C LYS C 62 -12.29 24.62 -14.94
N LYS C 63 -12.66 25.16 -13.79
CA LYS C 63 -11.70 25.77 -12.91
C LYS C 63 -10.80 24.71 -12.26
N PHE C 64 -11.38 23.62 -11.77
CA PHE C 64 -10.59 22.51 -11.24
C PHE C 64 -9.69 21.92 -12.35
N ALA C 65 -10.10 22.02 -13.61
CA ALA C 65 -9.30 21.45 -14.69
C ALA C 65 -7.95 22.16 -14.83
N ILE C 66 -7.95 23.46 -14.53
CA ILE C 66 -6.74 24.25 -14.59
C ILE C 66 -5.80 23.80 -13.48
N LEU C 67 -6.34 23.74 -12.25
CA LEU C 67 -5.63 23.17 -11.12
C LEU C 67 -5.00 21.84 -11.53
N TYR C 68 -5.74 21.03 -12.26
CA TYR C 68 -5.24 19.71 -12.63
C TYR C 68 -4.07 19.78 -13.61
N ALA C 69 -4.19 20.66 -14.61
CA ALA C 69 -3.11 20.87 -15.57
C ALA C 69 -1.80 21.25 -14.86
N VAL C 70 -1.91 22.20 -13.93
CA VAL C 70 -0.76 22.57 -13.14
C VAL C 70 -0.21 21.35 -12.40
N HIS C 71 -1.11 20.59 -11.80
CA HIS C 71 -0.68 19.38 -11.15
C HIS C 71 0.19 18.53 -12.09
N GLU C 72 -0.14 18.54 -13.37
CA GLU C 72 0.50 17.60 -14.28
C GLU C 72 1.79 18.09 -14.89
N MET C 73 2.25 19.27 -14.42
CA MET C 73 3.53 19.86 -14.85
C MET C 73 4.73 19.05 -14.34
N GLU C 74 5.79 18.96 -15.15
CA GLU C 74 6.94 18.12 -14.79
C GLU C 74 7.80 18.71 -13.68
N SER C 75 7.49 19.95 -13.30
CA SER C 75 8.13 20.53 -12.13
C SER C 75 7.26 20.21 -10.90
N ARG C 76 6.14 19.56 -11.16
CA ARG C 76 5.22 19.03 -10.14
C ARG C 76 5.07 19.97 -8.95
N PRO C 77 4.33 21.08 -9.16
CA PRO C 77 4.11 22.09 -8.12
C PRO C 77 3.39 21.51 -6.93
N LEU C 78 2.57 20.48 -7.12
CA LEU C 78 1.84 19.88 -6.01
C LEU C 78 2.36 18.50 -5.70
N ARG C 79 2.82 18.34 -4.48
CA ARG C 79 3.32 17.05 -3.99
C ARG C 79 2.73 16.82 -2.61
N GLU C 80 3.11 15.70 -2.00
CA GLU C 80 2.74 15.43 -0.61
C GLU C 80 1.23 15.57 -0.37
N GLY C 81 0.86 16.32 0.65
CA GLY C 81 -0.51 16.41 1.08
C GLY C 81 -1.33 17.31 0.19
N LEU C 82 -0.66 18.03 -0.70
CA LEU C 82 -1.34 18.82 -1.72
C LEU C 82 -1.75 17.91 -2.87
N SER C 83 -0.83 17.05 -3.27
CA SER C 83 -1.04 16.01 -4.27
C SER C 83 -2.20 15.15 -3.81
N TYR C 84 -2.12 14.73 -2.56
CA TYR C 84 -3.17 13.94 -1.93
C TYR C 84 -4.51 14.66 -1.90
N ALA C 85 -4.49 15.96 -1.59
CA ALA C 85 -5.72 16.77 -1.56
C ALA C 85 -6.30 17.02 -2.95
N LEU C 86 -5.43 17.01 -3.95
CA LEU C 86 -5.90 17.30 -5.29
C LEU C 86 -6.70 16.11 -5.70
N THR C 87 -6.02 14.96 -5.80
CA THR C 87 -6.67 13.75 -6.30
C THR C 87 -7.89 13.38 -5.48
N THR C 88 -7.76 13.40 -4.15
CA THR C 88 -8.89 13.09 -3.30
C THR C 88 -10.13 13.90 -3.68
N ILE C 89 -9.95 15.13 -4.12
CA ILE C 89 -11.09 15.94 -4.54
C ILE C 89 -11.52 15.50 -5.92
N SER C 90 -10.57 15.12 -6.76
CA SER C 90 -10.93 14.76 -8.13
C SER C 90 -11.90 13.58 -8.07
N ILE C 91 -11.59 12.62 -7.20
CA ILE C 91 -12.51 11.54 -6.89
C ILE C 91 -13.92 11.97 -6.48
N ALA C 92 -14.07 13.09 -5.78
CA ALA C 92 -15.41 13.63 -5.54
C ALA C 92 -15.98 14.35 -6.76
N LEU C 93 -15.09 14.87 -7.59
CA LEU C 93 -15.50 15.62 -8.76
C LEU C 93 -16.36 14.75 -9.67
N PHE C 94 -15.75 13.69 -10.22
CA PHE C 94 -16.40 12.80 -11.19
C PHE C 94 -17.85 12.40 -10.85
N PRO C 95 -18.09 11.86 -9.63
CA PRO C 95 -19.48 11.55 -9.29
C PRO C 95 -20.33 12.79 -9.32
N CYS C 96 -19.86 13.90 -8.75
CA CYS C 96 -20.63 15.14 -8.80
C CYS C 96 -21.02 15.46 -10.23
N MET C 97 -20.13 15.15 -11.19
CA MET C 97 -20.39 15.39 -12.60
C MET C 97 -21.53 14.49 -13.07
N VAL C 98 -21.38 13.19 -12.85
CA VAL C 98 -22.42 12.20 -13.14
C VAL C 98 -23.79 12.63 -12.60
N TYR C 99 -23.82 13.10 -11.37
CA TYR C 99 -25.08 13.49 -10.75
C TYR C 99 -25.55 14.87 -11.25
N LEU C 100 -24.77 15.46 -12.14
CA LEU C 100 -25.13 16.74 -12.74
C LEU C 100 -25.78 16.53 -14.12
N THR C 101 -24.99 15.92 -15.00
CA THR C 101 -25.40 15.52 -16.34
C THR C 101 -26.75 14.80 -16.33
N ASN C 102 -26.89 13.83 -15.41
CA ASN C 102 -28.07 12.96 -15.39
C ASN C 102 -29.24 13.45 -14.54
N ASN C 103 -29.12 14.67 -14.02
CA ASN C 103 -30.19 15.41 -13.35
C ASN C 103 -30.50 15.01 -11.89
N LEU C 104 -29.78 13.99 -11.42
CA LEU C 104 -29.88 13.47 -10.05
C LEU C 104 -29.41 14.47 -8.97
N GLN C 105 -28.88 15.61 -9.40
CA GLN C 105 -28.36 16.66 -8.50
C GLN C 105 -29.35 17.16 -7.44
N GLU C 106 -30.65 17.10 -7.75
CA GLU C 106 -31.68 17.62 -6.86
C GLU C 106 -31.88 16.70 -5.65
N HIS C 107 -31.68 15.41 -5.87
CA HIS C 107 -31.89 14.40 -4.83
C HIS C 107 -30.94 14.58 -3.65
N TYR C 108 -29.72 15.02 -3.96
CA TYR C 108 -28.66 15.16 -2.97
C TYR C 108 -28.79 16.47 -2.21
N ILE C 109 -29.76 17.28 -2.59
CA ILE C 109 -29.94 18.59 -1.98
C ILE C 109 -30.70 18.48 -0.64
N THR C 110 -30.26 19.22 0.35
CA THR C 110 -31.03 19.38 1.58
C THR C 110 -31.11 20.84 1.96
N SER C 111 -31.64 21.08 3.14
CA SER C 111 -31.88 22.43 3.64
C SER C 111 -31.20 22.62 4.99
N LYS C 112 -31.61 21.80 5.96
CA LYS C 112 -31.06 21.82 7.30
C LYS C 112 -29.64 21.23 7.32
N LYS C 113 -28.85 21.61 8.32
CA LYS C 113 -27.46 21.19 8.37
C LYS C 113 -27.33 19.87 9.14
N LEU C 114 -27.05 18.81 8.38
CA LEU C 114 -27.06 17.45 8.89
C LEU C 114 -25.78 17.12 9.58
N SER C 115 -25.61 15.85 9.94
CA SER C 115 -24.33 15.39 10.45
C SER C 115 -23.78 14.28 9.59
N SER C 116 -22.61 13.79 9.96
CA SER C 116 -21.88 12.79 9.19
C SER C 116 -22.67 11.49 9.09
N LYS C 117 -23.71 11.38 9.90
CA LYS C 117 -24.62 10.25 9.85
C LYS C 117 -25.67 10.54 8.80
N GLU C 118 -26.48 11.57 9.01
CA GLU C 118 -27.50 11.97 8.04
C GLU C 118 -26.96 12.11 6.62
N VAL C 119 -25.78 12.70 6.50
CA VAL C 119 -25.17 12.84 5.19
C VAL C 119 -24.83 11.48 4.62
N LEU C 120 -24.08 10.69 5.37
CA LEU C 120 -23.61 9.39 4.89
C LEU C 120 -24.79 8.44 4.59
N GLN C 121 -25.95 8.85 5.09
CA GLN C 121 -27.22 8.17 4.87
C GLN C 121 -27.71 8.42 3.44
N LEU C 122 -27.98 9.69 3.13
CA LEU C 122 -28.48 10.10 1.79
C LEU C 122 -27.67 9.43 0.71
N MET C 123 -26.35 9.44 0.87
CA MET C 123 -25.44 8.79 -0.08
C MET C 123 -25.85 7.35 -0.36
N THR C 124 -26.35 6.65 0.66
CA THR C 124 -26.82 5.28 0.45
C THR C 124 -28.24 5.24 -0.15
N MET C 125 -29.13 6.10 0.35
CA MET C 125 -30.46 6.24 -0.25
C MET C 125 -30.38 6.58 -1.74
N ASN C 126 -29.67 7.65 -2.08
CA ASN C 126 -29.54 8.06 -3.49
C ASN C 126 -28.66 7.14 -4.37
N ASN C 127 -27.98 6.15 -3.79
CA ASN C 127 -27.10 5.27 -4.58
C ASN C 127 -27.89 4.18 -5.34
N ALA C 128 -29.20 4.14 -5.15
CA ALA C 128 -30.03 3.09 -5.72
C ALA C 128 -30.55 3.36 -7.13
N TYR C 129 -30.20 4.52 -7.70
CA TYR C 129 -30.70 4.90 -9.01
C TYR C 129 -29.89 4.23 -10.12
N LEU C 130 -28.65 4.65 -10.30
CA LEU C 130 -27.74 3.96 -11.22
C LEU C 130 -27.39 2.57 -10.72
N GLU C 131 -26.94 1.71 -11.62
CA GLU C 131 -26.49 0.39 -11.25
C GLU C 131 -24.98 0.37 -11.28
N LYS C 132 -24.38 -0.41 -10.39
CA LYS C 132 -22.93 -0.49 -10.31
C LYS C 132 -22.31 -0.99 -11.62
N GLN C 133 -23.15 -1.50 -12.51
CA GLN C 133 -22.75 -1.76 -13.90
C GLN C 133 -22.76 -0.45 -14.70
N ARG C 134 -23.86 0.30 -14.60
CA ARG C 134 -24.04 1.52 -15.37
C ARG C 134 -23.35 2.76 -14.78
N PHE C 135 -23.26 2.82 -13.45
CA PHE C 135 -22.63 3.97 -12.79
C PHE C 135 -21.19 4.09 -13.24
N VAL C 136 -20.49 2.96 -13.22
CA VAL C 136 -19.11 2.89 -13.70
C VAL C 136 -18.96 3.44 -15.15
N GLU C 137 -20.03 3.37 -15.95
CA GLU C 137 -20.02 3.84 -17.34
C GLU C 137 -20.05 5.35 -17.40
N PHE C 138 -21.13 5.93 -16.88
CA PHE C 138 -21.25 7.37 -16.71
C PHE C 138 -20.05 8.00 -15.98
N LEU C 139 -19.63 7.36 -14.88
CA LEU C 139 -18.47 7.85 -14.16
C LEU C 139 -17.27 7.77 -15.08
N GLY C 140 -17.31 6.83 -16.02
CA GLY C 140 -16.22 6.69 -16.96
C GLY C 140 -16.32 7.67 -18.10
N GLN C 141 -17.52 8.17 -18.35
CA GLN C 141 -17.70 9.20 -19.38
C GLN C 141 -17.27 10.54 -18.85
N GLU C 142 -17.79 10.92 -17.69
CA GLU C 142 -17.44 12.19 -17.06
C GLU C 142 -15.94 12.39 -16.91
N GLN C 143 -15.23 11.28 -16.70
CA GLN C 143 -13.79 11.30 -16.61
C GLN C 143 -13.19 11.81 -17.90
N ASP C 144 -13.73 11.35 -19.02
CA ASP C 144 -13.19 11.69 -20.33
C ASP C 144 -13.51 13.15 -20.72
N LYS C 145 -14.67 13.64 -20.32
CA LYS C 145 -14.94 15.06 -20.50
C LYS C 145 -13.91 15.88 -19.73
N PHE C 146 -13.51 15.39 -18.57
CA PHE C 146 -12.58 16.11 -17.72
C PHE C 146 -11.18 16.13 -18.32
N PHE C 147 -10.66 14.96 -18.67
CA PHE C 147 -9.34 14.83 -19.28
C PHE C 147 -9.12 15.75 -20.49
N THR C 148 -10.05 15.77 -21.43
CA THR C 148 -9.95 16.66 -22.58
C THR C 148 -9.95 18.12 -22.13
N TRP C 149 -10.86 18.48 -21.23
CA TRP C 149 -10.92 19.87 -20.75
C TRP C 149 -9.68 20.27 -19.97
N VAL C 150 -9.00 19.27 -19.42
CA VAL C 150 -7.69 19.45 -18.81
C VAL C 150 -6.72 19.83 -19.92
N LYS C 151 -6.69 19.01 -20.98
CA LYS C 151 -5.78 19.21 -22.10
C LYS C 151 -6.03 20.54 -22.78
N GLU C 152 -7.28 21.02 -22.70
CA GLU C 152 -7.68 22.24 -23.38
C GLU C 152 -7.65 23.45 -22.48
N ALA C 153 -7.17 23.26 -21.25
CA ALA C 153 -7.27 24.32 -20.25
C ALA C 153 -6.58 25.59 -20.75
N ASP C 154 -7.14 26.73 -20.37
CA ASP C 154 -6.70 27.99 -20.91
C ASP C 154 -5.24 28.23 -20.55
N SER C 155 -4.40 28.37 -21.57
CA SER C 155 -2.94 28.43 -21.34
C SER C 155 -2.48 29.68 -20.56
N SER C 156 -3.22 30.77 -20.65
CA SER C 156 -2.88 31.95 -19.86
C SER C 156 -3.17 31.73 -18.39
N ALA C 157 -4.35 31.18 -18.12
CA ALA C 157 -4.79 30.98 -16.75
C ALA C 157 -3.96 29.90 -16.09
N VAL C 158 -3.70 28.84 -16.84
CA VAL C 158 -2.78 27.82 -16.34
C VAL C 158 -1.48 28.46 -15.89
N SER C 159 -0.87 29.26 -16.77
CA SER C 159 0.38 29.93 -16.44
C SER C 159 0.28 30.73 -15.14
N LYS C 160 -0.75 31.55 -14.98
CA LYS C 160 -0.91 32.33 -13.76
C LYS C 160 -1.03 31.43 -12.52
N ALA C 161 -1.80 30.35 -12.64
CA ALA C 161 -1.97 29.41 -11.53
C ALA C 161 -0.65 28.74 -11.18
N PHE C 162 0.09 28.32 -12.20
CA PHE C 162 1.37 27.70 -11.99
C PHE C 162 2.31 28.65 -11.24
N ASP C 163 2.37 29.90 -11.70
CA ASP C 163 3.24 30.87 -11.05
C ASP C 163 2.84 31.02 -9.58
N GLN C 164 1.55 31.20 -9.31
CA GLN C 164 1.08 31.43 -7.96
C GLN C 164 1.44 30.30 -7.03
N ILE C 165 1.18 29.07 -7.46
CA ILE C 165 1.40 27.90 -6.62
C ILE C 165 2.87 27.52 -6.50
N TYR C 166 3.58 27.41 -7.63
CA TYR C 166 4.97 26.95 -7.57
C TYR C 166 5.77 27.91 -6.71
N SER C 167 5.47 29.19 -6.83
CA SER C 167 6.15 30.20 -6.05
C SER C 167 6.15 29.89 -4.55
N VAL C 168 5.06 29.32 -4.03
CA VAL C 168 5.03 28.90 -2.64
C VAL C 168 5.71 27.54 -2.44
N THR C 169 5.20 26.53 -3.13
CA THR C 169 5.67 25.14 -2.97
C THR C 169 7.18 24.89 -3.15
N TYR C 170 7.79 25.58 -4.11
CA TYR C 170 9.23 25.55 -4.21
C TYR C 170 9.84 25.83 -2.86
N LEU C 171 9.36 26.89 -2.23
CA LEU C 171 9.90 27.29 -0.94
C LEU C 171 9.50 26.31 0.12
N LYS C 172 8.29 25.78 0.04
CA LYS C 172 7.84 24.81 1.04
C LYS C 172 8.82 23.64 1.08
N TYR C 173 9.00 22.98 -0.07
CA TYR C 173 9.91 21.84 -0.17
C TYR C 173 11.37 22.19 0.13
N LEU C 174 11.81 23.37 -0.30
CA LEU C 174 13.20 23.78 -0.06
C LEU C 174 13.46 23.85 1.42
N ILE C 175 12.55 24.54 2.11
CA ILE C 175 12.65 24.71 3.55
C ILE C 175 12.63 23.38 4.30
N GLU C 176 11.85 22.42 3.80
CA GLU C 176 11.77 21.11 4.44
C GLU C 176 13.03 20.30 4.21
N ASP C 177 13.58 20.37 3.01
CA ASP C 177 14.84 19.68 2.68
C ASP C 177 15.99 20.24 3.49
N TYR C 178 15.93 21.53 3.75
CA TYR C 178 16.88 22.19 4.60
C TYR C 178 16.76 21.66 6.02
N LEU C 179 15.53 21.58 6.53
CA LEU C 179 15.27 21.09 7.87
C LEU C 179 15.83 19.70 8.14
N SER C 180 15.42 18.71 7.36
CA SER C 180 15.84 17.34 7.63
C SER C 180 17.32 17.17 7.33
N LEU C 181 17.92 18.12 6.63
CA LEU C 181 19.37 18.12 6.43
C LEU C 181 20.10 18.68 7.66
N LEU C 182 19.46 19.63 8.35
CA LEU C 182 20.05 20.22 9.56
C LEU C 182 19.99 19.18 10.65
N GLU C 183 18.77 18.67 10.88
CA GLU C 183 18.52 17.61 11.83
C GLU C 183 19.48 16.46 11.64
N SER C 184 19.37 15.80 10.49
CA SER C 184 20.17 14.60 10.25
C SER C 184 21.68 14.88 10.27
N ALA C 185 22.08 16.15 10.21
CA ALA C 185 23.51 16.48 10.27
C ALA C 185 24.03 16.33 11.70
N HIS C 186 25.34 16.47 11.89
CA HIS C 186 25.87 16.50 13.25
C HIS C 186 26.97 17.53 13.54
N LEU C 187 26.67 18.47 14.42
CA LEU C 187 27.70 19.41 14.86
C LEU C 187 27.78 19.36 16.40
N PRO C 188 29.02 19.27 16.91
CA PRO C 188 29.41 19.25 18.33
C PRO C 188 29.36 20.58 19.10
N THR C 189 29.90 21.62 18.46
CA THR C 189 30.23 22.88 19.11
C THR C 189 29.12 23.90 18.93
N ASP C 190 28.07 23.53 18.21
CA ASP C 190 26.98 24.46 18.01
C ASP C 190 25.96 24.24 19.09
N GLN C 191 25.91 25.20 20.01
CA GLN C 191 24.86 25.25 21.00
C GLN C 191 23.72 25.98 20.31
N LEU C 192 24.06 26.61 19.18
CA LEU C 192 23.09 27.31 18.36
C LEU C 192 22.39 26.41 17.31
N LYS C 193 22.96 25.25 17.00
CA LYS C 193 22.30 24.33 16.06
C LYS C 193 21.08 23.64 16.67
N SER C 194 20.85 23.85 17.96
CA SER C 194 19.63 23.37 18.61
C SER C 194 18.51 24.38 18.39
N SER C 195 18.87 25.64 18.56
CA SER C 195 17.92 26.73 18.50
C SER C 195 17.62 27.12 17.06
N ARG C 196 18.58 26.83 16.19
CA ARG C 196 18.46 27.14 14.77
C ARG C 196 17.40 26.23 14.13
N ILE C 197 17.35 24.98 14.57
CA ILE C 197 16.32 24.06 14.11
C ILE C 197 14.94 24.61 14.48
N SER C 198 14.85 25.24 15.64
CA SER C 198 13.59 25.78 16.14
C SER C 198 13.01 26.84 15.22
N LEU C 199 13.84 27.79 14.78
CA LEU C 199 13.40 28.81 13.82
C LEU C 199 12.85 28.15 12.57
N VAL C 200 13.67 27.31 11.94
CA VAL C 200 13.31 26.67 10.69
C VAL C 200 11.97 25.96 10.76
N VAL C 201 11.80 25.14 11.80
CA VAL C 201 10.57 24.38 11.96
C VAL C 201 9.36 25.32 12.18
N ARG C 202 9.65 26.52 12.71
CA ARG C 202 8.66 27.60 12.87
C ARG C 202 8.42 28.41 11.59
N LEU C 203 9.45 28.52 10.76
CA LEU C 203 9.31 29.16 9.46
C LEU C 203 8.47 28.26 8.59
N ALA C 204 8.85 26.98 8.54
CA ALA C 204 8.11 25.97 7.83
C ALA C 204 6.63 25.97 8.23
N LYS C 205 6.36 26.23 9.51
CA LYS C 205 4.98 26.36 9.97
C LYS C 205 4.33 27.61 9.39
N TYR C 206 5.04 28.73 9.44
CA TYR C 206 4.54 30.00 8.88
C TYR C 206 4.22 29.84 7.41
N LEU C 207 5.13 29.19 6.70
CA LEU C 207 4.96 29.04 5.27
C LEU C 207 3.82 28.08 4.95
N HIS C 208 3.66 27.05 5.79
CA HIS C 208 2.57 26.10 5.63
C HIS C 208 1.20 26.78 5.70
N GLU C 209 1.13 27.91 6.41
CA GLU C 209 -0.13 28.61 6.57
C GLU C 209 -0.37 29.51 5.35
N GLN C 210 0.63 29.60 4.46
CA GLN C 210 0.53 30.52 3.33
C GLN C 210 0.00 29.95 2.01
N THR C 211 -1.00 30.63 1.46
CA THR C 211 -1.53 30.31 0.17
C THR C 211 -0.76 31.04 -0.96
N GLU C 212 -0.81 32.36 -1.01
CA GLU C 212 -0.09 33.13 -2.04
C GLU C 212 1.18 33.79 -1.46
N LEU C 213 2.24 33.90 -2.28
CA LEU C 213 3.47 34.49 -1.74
C LEU C 213 3.48 35.96 -2.14
N THR C 214 2.94 36.77 -1.25
CA THR C 214 2.69 38.15 -1.56
C THR C 214 3.89 38.82 -0.94
N GLN C 215 3.99 40.13 -1.09
CA GLN C 215 5.16 40.81 -0.56
C GLN C 215 5.24 40.74 0.97
N ASP C 216 4.10 40.64 1.65
CA ASP C 216 4.06 40.39 3.10
C ASP C 216 4.90 39.17 3.43
N VAL C 217 4.59 38.08 2.75
CA VAL C 217 5.22 36.81 3.02
C VAL C 217 6.72 36.88 2.78
N HIS C 218 7.09 37.56 1.69
CA HIS C 218 8.49 37.81 1.40
C HIS C 218 9.17 38.43 2.64
N ASP C 219 8.48 39.38 3.25
CA ASP C 219 9.04 40.12 4.36
C ASP C 219 9.18 39.24 5.58
N GLU C 220 8.09 38.61 5.99
CA GLU C 220 8.12 37.68 7.12
C GLU C 220 9.20 36.62 7.02
N ILE C 221 9.28 35.93 5.87
CA ILE C 221 10.36 34.99 5.61
C ILE C 221 11.71 35.67 5.82
N ALA C 222 11.87 36.85 5.24
CA ALA C 222 13.14 37.56 5.31
C ALA C 222 13.55 37.77 6.77
N VAL C 223 12.56 37.90 7.64
CA VAL C 223 12.84 38.08 9.06
C VAL C 223 13.40 36.79 9.63
N TYR C 224 12.72 35.68 9.40
CA TYR C 224 13.23 34.39 9.84
C TYR C 224 14.63 34.19 9.29
N VAL C 225 14.85 34.52 8.03
CA VAL C 225 16.16 34.27 7.45
C VAL C 225 17.23 35.14 8.12
N LYS C 226 16.87 36.35 8.50
CA LYS C 226 17.80 37.23 9.21
C LYS C 226 18.19 36.63 10.57
N LYS C 227 17.19 36.22 11.35
CA LYS C 227 17.44 35.62 12.66
C LYS C 227 18.30 34.37 12.53
N LEU C 228 17.95 33.51 11.58
CA LEU C 228 18.78 32.35 11.25
C LEU C 228 20.22 32.76 11.02
N TRP C 229 20.43 33.75 10.16
CA TRP C 229 21.76 34.23 9.81
C TRP C 229 22.59 34.74 11.00
N GLU C 230 21.90 35.16 12.06
CA GLU C 230 22.55 35.67 13.25
C GLU C 230 23.04 34.54 14.17
N MET C 231 22.47 33.36 13.99
CA MET C 231 22.74 32.20 14.83
C MET C 231 23.97 31.41 14.34
N GLN C 232 24.76 32.07 13.49
CA GLN C 232 26.09 31.59 13.13
C GLN C 232 26.02 30.19 12.53
N PRO C 233 25.32 30.08 11.40
CA PRO C 233 25.00 28.78 10.79
C PRO C 233 26.22 28.11 10.16
N ALA C 234 26.10 26.81 9.90
CA ALA C 234 27.18 26.04 9.31
C ALA C 234 27.37 26.46 7.86
N GLU C 235 28.34 25.85 7.17
CA GLU C 235 28.59 26.20 5.78
C GLU C 235 27.53 25.56 4.88
N PHE C 236 27.02 24.41 5.29
CA PHE C 236 26.09 23.69 4.46
C PHE C 236 24.70 24.35 4.50
N GLU C 237 24.40 25.11 5.55
CA GLU C 237 23.11 25.81 5.64
C GLU C 237 23.16 27.11 4.86
N GLU C 238 24.37 27.56 4.59
CA GLU C 238 24.62 28.86 3.96
C GLU C 238 23.94 28.96 2.59
N GLU C 239 23.95 27.87 1.82
CA GLU C 239 23.36 27.87 0.47
C GLU C 239 21.82 27.72 0.46
N PHE C 240 21.25 27.09 1.50
CA PHE C 240 19.79 27.04 1.60
C PHE C 240 19.19 28.40 1.90
N LEU C 241 19.89 29.17 2.74
CA LEU C 241 19.32 30.44 3.19
C LEU C 241 19.33 31.47 2.07
N LYS C 242 20.27 31.33 1.13
CA LYS C 242 20.35 32.27 0.02
C LYS C 242 19.20 32.07 -0.94
N LYS C 243 18.81 30.80 -1.13
CA LYS C 243 17.70 30.45 -2.00
C LYS C 243 16.35 30.70 -1.36
N ILE C 244 16.27 30.64 -0.04
CA ILE C 244 14.99 30.90 0.63
C ILE C 244 14.64 32.39 0.65
N SER C 245 15.66 33.23 0.71
CA SER C 245 15.48 34.66 0.80
C SER C 245 16.55 35.37 -0.01
N PRO C 246 16.36 35.43 -1.33
CA PRO C 246 17.45 35.94 -2.17
C PRO C 246 17.50 37.48 -2.19
N LEU C 247 18.55 38.03 -2.80
CA LEU C 247 18.71 39.47 -2.84
C LEU C 247 17.67 40.00 -3.81
N PRO C 248 16.88 40.97 -3.36
CA PRO C 248 15.69 41.51 -4.05
C PRO C 248 15.95 42.39 -5.28
N PHE C 249 17.19 42.82 -5.47
CA PHE C 249 17.45 43.94 -6.38
C PHE C 249 17.01 43.68 -7.80
N ILE C 250 17.52 42.58 -8.35
CA ILE C 250 17.13 42.13 -9.68
C ILE C 250 15.65 41.76 -9.74
N ASP C 251 15.17 40.89 -8.83
CA ASP C 251 13.72 40.66 -8.75
C ASP C 251 12.91 41.96 -8.66
N ASN C 252 13.27 42.86 -7.75
CA ASN C 252 12.49 44.08 -7.56
C ASN C 252 12.41 44.94 -8.80
N THR C 253 13.48 44.91 -9.59
CA THR C 253 13.56 45.63 -10.86
C THR C 253 12.57 45.04 -11.86
N VAL C 254 12.47 43.73 -11.92
CA VAL C 254 11.51 43.09 -12.79
C VAL C 254 10.07 43.43 -12.36
N ARG C 255 9.82 43.55 -11.07
CA ARG C 255 8.48 43.89 -10.64
C ARG C 255 7.97 45.28 -11.06
N ILE C 256 8.80 46.34 -11.00
CA ILE C 256 8.28 47.67 -11.35
C ILE C 256 8.19 47.90 -12.84
N LEU C 257 9.12 47.31 -13.57
CA LEU C 257 9.05 47.37 -15.02
C LEU C 257 7.80 46.63 -15.54
N THR C 258 7.22 45.75 -14.71
CA THR C 258 6.07 44.95 -15.14
C THR C 258 4.70 45.63 -14.91
N MET D 1 27.60 11.72 -23.48
CA MET D 1 28.25 10.43 -23.57
C MET D 1 29.76 10.54 -23.86
N LEU D 2 30.56 10.53 -22.79
CA LEU D 2 32.01 10.73 -22.91
C LEU D 2 32.82 9.42 -22.76
N SER D 3 33.78 9.23 -23.67
CA SER D 3 34.77 8.14 -23.60
C SER D 3 34.17 6.78 -23.22
N SER D 4 34.69 6.18 -22.14
CA SER D 4 34.20 4.87 -21.69
C SER D 4 33.98 4.77 -20.17
N THR D 5 33.61 3.58 -19.72
CA THR D 5 33.17 3.35 -18.34
C THR D 5 34.15 3.79 -17.26
N LYS D 6 35.44 3.67 -17.58
CA LYS D 6 36.48 4.13 -16.66
C LYS D 6 36.29 5.60 -16.28
N GLU D 7 35.60 6.35 -17.12
CA GLU D 7 35.32 7.77 -16.89
C GLU D 7 34.16 7.98 -15.93
N TYR D 8 32.99 7.49 -16.32
CA TYR D 8 31.77 7.68 -15.56
C TYR D 8 31.93 7.33 -14.09
N LEU D 9 32.72 6.31 -13.80
CA LEU D 9 32.90 5.90 -12.41
C LEU D 9 33.70 6.92 -11.57
N GLN D 10 34.70 7.56 -12.17
CA GLN D 10 35.46 8.57 -11.43
C GLN D 10 34.66 9.85 -11.35
N ALA D 11 33.75 10.04 -12.31
CA ALA D 11 32.83 11.16 -12.26
C ALA D 11 32.05 11.04 -10.97
N LEU D 12 31.68 9.82 -10.62
CA LEU D 12 31.04 9.54 -9.34
C LEU D 12 31.97 9.74 -8.14
N ARG D 13 33.27 9.52 -8.34
CA ARG D 13 34.25 9.67 -7.27
C ARG D 13 34.63 11.12 -7.07
N ASP D 14 34.73 11.84 -8.18
CA ASP D 14 35.02 13.27 -8.17
C ASP D 14 33.81 14.01 -7.60
N GLY D 15 32.64 13.42 -7.77
CA GLY D 15 31.42 13.99 -7.21
C GLY D 15 30.59 14.73 -8.24
N LYS D 16 30.91 14.55 -9.52
CA LYS D 16 30.09 15.16 -10.54
C LYS D 16 29.02 14.14 -10.88
N TYR D 17 27.83 14.36 -10.34
CA TYR D 17 26.77 13.37 -10.39
C TYR D 17 25.93 13.41 -11.66
N LEU D 18 25.62 14.62 -12.10
CA LEU D 18 24.75 14.77 -13.26
C LEU D 18 25.41 14.16 -14.50
N LEU D 19 26.74 14.15 -14.47
CA LEU D 19 27.51 13.46 -15.48
C LEU D 19 27.35 11.96 -15.33
N PHE D 20 27.54 11.46 -14.11
CA PHE D 20 27.53 10.04 -13.80
C PHE D 20 26.25 9.34 -14.25
N LEU D 21 25.17 10.10 -14.38
CA LEU D 21 23.87 9.53 -14.65
C LEU D 21 23.62 9.29 -16.13
N GLN D 22 24.62 9.58 -16.95
CA GLN D 22 24.57 9.23 -18.36
C GLN D 22 25.25 7.88 -18.59
N TRP D 23 25.64 7.23 -17.49
CA TRP D 23 26.34 5.93 -17.54
C TRP D 23 25.49 4.78 -18.09
N PRO D 24 24.25 4.58 -17.59
CA PRO D 24 23.46 3.51 -18.18
C PRO D 24 23.02 3.80 -19.62
N LYS D 25 22.71 5.05 -19.93
CA LYS D 25 22.37 5.46 -21.30
C LYS D 25 23.59 5.28 -22.21
N PHE D 26 24.76 5.14 -21.58
CA PHE D 26 26.02 4.79 -22.26
C PHE D 26 26.23 3.28 -22.49
N ILE D 27 25.78 2.45 -21.54
CA ILE D 27 25.88 1.00 -21.68
C ILE D 27 24.95 0.50 -22.79
N ALA D 28 23.82 1.19 -22.96
CA ALA D 28 22.86 0.87 -24.03
C ALA D 28 23.31 1.29 -25.44
N GLU D 29 24.16 2.32 -25.51
CA GLU D 29 24.71 2.78 -26.79
C GLU D 29 25.95 1.98 -27.25
N TYR D 30 26.60 1.29 -26.31
CA TYR D 30 27.72 0.42 -26.64
C TYR D 30 27.20 -0.92 -27.18
N TYR D 31 26.25 -1.49 -26.46
CA TYR D 31 25.72 -2.83 -26.77
C TYR D 31 24.48 -2.84 -27.68
N GLY D 32 23.84 -1.67 -27.85
CA GLY D 32 22.78 -1.45 -28.81
C GLY D 32 21.59 -2.40 -28.99
N LYS D 33 20.94 -2.79 -27.89
CA LYS D 33 19.77 -3.69 -27.96
C LYS D 33 18.50 -3.09 -27.34
N SER D 34 17.51 -2.78 -28.18
CA SER D 34 16.24 -2.17 -27.75
C SER D 34 16.44 -0.95 -26.84
N GLU D 39 16.25 -5.34 -23.45
CA GLU D 39 15.27 -4.93 -22.45
C GLU D 39 15.96 -4.36 -21.20
N ALA D 40 15.25 -4.37 -20.08
CA ALA D 40 15.78 -3.82 -18.83
C ALA D 40 16.56 -4.82 -17.96
N ASP D 41 16.43 -6.12 -18.24
CA ASP D 41 17.11 -7.15 -17.45
C ASP D 41 18.60 -7.12 -17.78
N GLU D 42 18.87 -6.72 -19.02
CA GLU D 42 20.23 -6.61 -19.53
C GLU D 42 20.92 -5.37 -19.00
N MET D 43 20.36 -4.20 -19.35
CA MET D 43 20.96 -2.91 -19.01
C MET D 43 21.28 -2.83 -17.51
N VAL D 44 20.45 -3.46 -16.69
CA VAL D 44 20.72 -3.64 -15.26
C VAL D 44 21.92 -4.57 -15.01
N SER D 45 21.85 -5.78 -15.55
CA SER D 45 22.92 -6.76 -15.34
C SER D 45 24.24 -6.28 -15.96
N LEU D 46 24.12 -5.67 -17.14
CA LEU D 46 25.27 -5.10 -17.85
C LEU D 46 25.97 -4.02 -17.04
N LEU D 47 25.23 -3.37 -16.15
CA LEU D 47 25.80 -2.40 -15.23
C LEU D 47 26.60 -3.09 -14.11
N ILE D 48 26.06 -4.19 -13.56
CA ILE D 48 26.71 -4.93 -12.47
C ILE D 48 28.10 -5.42 -12.88
N PHE D 49 28.18 -5.96 -14.10
CA PHE D 49 29.44 -6.39 -14.70
C PHE D 49 30.42 -5.24 -14.78
N GLU D 50 30.09 -4.28 -15.64
CA GLU D 50 31.00 -3.20 -15.99
C GLU D 50 31.51 -2.44 -14.77
N TRP D 51 30.76 -2.51 -13.67
CA TRP D 51 31.14 -1.88 -12.40
C TRP D 51 32.20 -2.69 -11.62
N LEU D 52 32.00 -4.01 -11.55
CA LEU D 52 32.94 -4.88 -10.84
C LEU D 52 34.27 -5.02 -11.60
N ASN D 53 34.27 -4.66 -12.88
CA ASN D 53 35.49 -4.61 -13.68
C ASN D 53 36.34 -3.39 -13.30
N ASN D 54 35.65 -2.33 -12.89
CA ASN D 54 36.29 -1.06 -12.56
C ASN D 54 36.60 -0.83 -11.08
N GLY D 55 36.44 -1.87 -10.26
CA GLY D 55 36.75 -1.75 -8.86
C GLY D 55 35.71 -1.13 -7.96
N PHE D 56 34.49 -1.66 -8.05
CA PHE D 56 33.43 -1.39 -7.09
C PHE D 56 34.00 -1.65 -5.70
N CYS D 57 33.89 -0.65 -4.82
CA CYS D 57 34.49 -0.72 -3.51
C CYS D 57 33.64 0.02 -2.49
N LEU D 58 34.07 0.00 -1.23
CA LEU D 58 33.30 0.63 -0.16
C LEU D 58 33.17 2.13 -0.44
N ASP D 59 34.19 2.70 -1.07
CA ASP D 59 34.20 4.12 -1.42
C ASP D 59 32.99 4.51 -2.26
N ASP D 60 32.89 3.91 -3.45
CA ASP D 60 31.76 4.14 -4.34
C ASP D 60 30.41 4.02 -3.62
N ILE D 61 30.27 2.97 -2.80
CA ILE D 61 29.03 2.76 -2.04
C ILE D 61 28.65 4.00 -1.22
N LYS D 62 29.61 4.54 -0.47
CA LYS D 62 29.33 5.70 0.41
C LYS D 62 29.36 7.07 -0.31
N LYS D 63 29.86 7.10 -1.54
CA LYS D 63 29.68 8.25 -2.43
C LYS D 63 28.30 8.22 -3.16
N PHE D 64 27.78 7.02 -3.42
CA PHE D 64 26.47 6.88 -4.05
C PHE D 64 25.35 7.10 -3.04
N ALA D 65 25.60 6.77 -1.78
CA ALA D 65 24.61 6.94 -0.73
C ALA D 65 24.36 8.42 -0.49
N ILE D 66 25.23 9.25 -1.06
CA ILE D 66 25.07 10.69 -1.04
C ILE D 66 24.07 11.11 -2.10
N LEU D 67 24.39 10.84 -3.36
CA LEU D 67 23.50 11.14 -4.48
C LEU D 67 22.11 10.63 -4.16
N TYR D 68 22.03 9.40 -3.68
CA TYR D 68 20.75 8.80 -3.39
C TYR D 68 19.95 9.63 -2.38
N ALA D 69 20.64 10.37 -1.51
CA ALA D 69 19.97 11.18 -0.48
C ALA D 69 19.33 12.41 -1.12
N VAL D 70 20.02 12.90 -2.13
CA VAL D 70 19.56 14.02 -2.93
C VAL D 70 18.25 13.62 -3.54
N HIS D 71 18.25 12.42 -4.14
CA HIS D 71 17.11 11.92 -4.90
C HIS D 71 15.89 11.86 -3.99
N GLU D 72 16.14 11.59 -2.72
CA GLU D 72 15.07 11.35 -1.75
C GLU D 72 14.61 12.61 -1.06
N MET D 73 15.27 13.72 -1.37
CA MET D 73 14.88 15.02 -0.87
C MET D 73 13.54 15.49 -1.45
N GLU D 74 12.80 16.22 -0.61
CA GLU D 74 11.44 16.70 -0.89
C GLU D 74 11.32 17.47 -2.19
N SER D 75 12.43 18.08 -2.61
CA SER D 75 12.46 18.89 -3.82
C SER D 75 12.62 18.06 -5.08
N ARG D 76 12.66 16.74 -4.92
CA ARG D 76 12.77 15.79 -6.03
C ARG D 76 13.72 16.23 -7.14
N PRO D 77 14.98 16.57 -6.81
CA PRO D 77 15.80 17.20 -7.85
C PRO D 77 16.08 16.27 -9.04
N LEU D 78 15.99 14.97 -8.81
CA LEU D 78 16.10 14.04 -9.92
C LEU D 78 14.79 13.30 -10.12
N ARG D 79 14.14 13.57 -11.25
CA ARG D 79 12.93 12.84 -11.63
C ARG D 79 12.88 12.51 -13.13
N GLU D 80 11.96 11.61 -13.48
CA GLU D 80 11.85 11.06 -14.84
C GLU D 80 13.10 10.28 -15.26
N GLY D 81 13.72 10.71 -16.37
CA GLY D 81 14.90 10.04 -16.89
C GLY D 81 15.97 9.84 -15.84
N LEU D 82 16.30 10.93 -15.14
CA LEU D 82 17.37 10.94 -14.15
C LEU D 82 17.05 10.07 -12.95
N SER D 83 15.79 10.09 -12.50
CA SER D 83 15.39 9.21 -11.41
C SER D 83 15.30 7.77 -11.90
N TYR D 84 15.06 7.62 -13.20
CA TYR D 84 15.13 6.30 -13.82
C TYR D 84 16.55 5.79 -13.73
N ALA D 85 17.51 6.68 -14.04
CA ALA D 85 18.93 6.33 -14.00
C ALA D 85 19.33 5.85 -12.61
N LEU D 86 19.08 6.66 -11.61
CA LEU D 86 19.49 6.35 -10.24
C LEU D 86 18.95 5.00 -9.80
N THR D 87 17.63 4.84 -9.85
CA THR D 87 16.98 3.64 -9.36
C THR D 87 17.51 2.39 -10.06
N THR D 88 17.69 2.49 -11.37
CA THR D 88 18.25 1.40 -12.17
C THR D 88 19.67 1.06 -11.67
N ILE D 89 20.48 2.09 -11.40
CA ILE D 89 21.84 1.93 -10.87
C ILE D 89 21.82 1.42 -9.41
N SER D 90 20.67 1.58 -8.75
CA SER D 90 20.51 1.09 -7.38
C SER D 90 20.35 -0.41 -7.42
N ILE D 91 19.31 -0.86 -8.12
CA ILE D 91 19.05 -2.28 -8.31
C ILE D 91 20.24 -3.01 -8.96
N ALA D 92 21.05 -2.29 -9.73
CA ALA D 92 22.34 -2.84 -10.22
C ALA D 92 23.46 -2.74 -9.17
N LEU D 93 23.32 -1.84 -8.21
CA LEU D 93 24.33 -1.66 -7.16
C LEU D 93 24.27 -2.79 -6.17
N PHE D 94 23.11 -2.95 -5.53
CA PHE D 94 22.92 -3.95 -4.48
C PHE D 94 23.50 -5.35 -4.74
N PRO D 95 23.42 -5.86 -5.99
CA PRO D 95 24.13 -7.10 -6.33
C PRO D 95 25.65 -7.00 -6.10
N CYS D 96 26.27 -5.90 -6.53
CA CYS D 96 27.70 -5.72 -6.34
C CYS D 96 28.10 -5.82 -4.88
N MET D 97 27.36 -5.15 -4.00
CA MET D 97 27.64 -5.16 -2.56
C MET D 97 27.65 -6.57 -1.98
N VAL D 98 26.68 -7.37 -2.44
CA VAL D 98 26.55 -8.78 -2.07
C VAL D 98 27.80 -9.56 -2.39
N TYR D 99 28.28 -9.37 -3.62
CA TYR D 99 29.42 -10.09 -4.12
C TYR D 99 30.74 -9.73 -3.40
N LEU D 100 30.97 -8.45 -3.13
CA LEU D 100 32.23 -8.01 -2.47
C LEU D 100 32.40 -8.61 -1.09
N THR D 101 31.31 -8.68 -0.33
CA THR D 101 31.35 -9.22 1.01
C THR D 101 31.71 -10.70 0.99
N ASN D 102 31.11 -11.44 0.05
CA ASN D 102 31.32 -12.89 -0.11
C ASN D 102 32.33 -13.36 -1.18
N ASN D 103 33.05 -12.42 -1.79
CA ASN D 103 34.13 -12.68 -2.75
C ASN D 103 33.78 -13.49 -4.00
N LEU D 104 32.85 -12.98 -4.80
CA LEU D 104 32.53 -13.53 -6.12
C LEU D 104 33.08 -12.75 -7.33
N GLN D 105 33.85 -11.70 -7.07
CA GLN D 105 34.26 -10.75 -8.13
C GLN D 105 35.21 -11.33 -9.20
N GLU D 106 36.11 -12.22 -8.81
CA GLU D 106 37.05 -12.82 -9.75
C GLU D 106 36.35 -13.74 -10.76
N HIS D 107 35.12 -14.14 -10.43
CA HIS D 107 34.29 -14.87 -11.39
C HIS D 107 33.84 -13.89 -12.47
N TYR D 108 33.84 -12.59 -12.14
CA TYR D 108 33.41 -11.53 -13.05
C TYR D 108 34.52 -10.73 -13.78
N ILE D 109 35.79 -11.05 -13.55
CA ILE D 109 36.89 -10.28 -14.18
C ILE D 109 37.44 -10.91 -15.46
N THR D 110 37.16 -10.29 -16.59
CA THR D 110 37.73 -10.70 -17.87
C THR D 110 38.12 -9.47 -18.68
N SER D 111 39.37 -9.42 -19.13
CA SER D 111 39.84 -8.29 -19.92
C SER D 111 39.43 -8.42 -21.38
N LYS D 112 38.90 -9.57 -21.75
CA LYS D 112 38.40 -9.82 -23.09
C LYS D 112 37.31 -8.82 -23.41
N LYS D 113 37.35 -8.23 -24.61
CA LYS D 113 36.32 -7.28 -25.00
C LYS D 113 35.24 -8.08 -25.68
N LEU D 114 34.10 -8.21 -24.99
CA LEU D 114 33.02 -9.08 -25.42
C LEU D 114 31.95 -8.21 -26.05
N SER D 115 30.87 -8.85 -26.49
CA SER D 115 29.75 -8.16 -27.09
C SER D 115 28.52 -8.45 -26.26
N SER D 116 27.47 -7.65 -26.47
CA SER D 116 26.26 -7.67 -25.64
C SER D 116 25.74 -9.06 -25.36
N LYS D 117 25.67 -9.87 -26.42
CA LYS D 117 25.06 -11.18 -26.34
C LYS D 117 25.90 -12.23 -25.59
N GLU D 118 27.23 -12.08 -25.61
CA GLU D 118 28.09 -12.98 -24.84
C GLU D 118 28.47 -12.50 -23.43
N VAL D 119 28.24 -11.21 -23.14
CA VAL D 119 28.50 -10.71 -21.80
C VAL D 119 27.37 -11.20 -20.89
N LEU D 120 26.17 -11.28 -21.45
CA LEU D 120 24.98 -11.75 -20.72
C LEU D 120 25.15 -13.18 -20.24
N GLN D 121 25.66 -14.02 -21.13
CA GLN D 121 25.87 -15.43 -20.82
C GLN D 121 26.93 -15.62 -19.75
N LEU D 122 27.95 -14.76 -19.77
CA LEU D 122 29.01 -14.75 -18.76
C LEU D 122 28.41 -14.63 -17.37
N MET D 123 27.43 -13.73 -17.23
CA MET D 123 26.71 -13.54 -15.98
C MET D 123 25.96 -14.80 -15.58
N THR D 124 25.10 -15.29 -16.48
CA THR D 124 24.31 -16.48 -16.23
C THR D 124 25.20 -17.68 -15.90
N MET D 125 26.28 -17.86 -16.66
CA MET D 125 27.19 -18.97 -16.40
C MET D 125 27.86 -18.83 -15.03
N ASN D 126 28.03 -17.59 -14.58
CA ASN D 126 28.61 -17.30 -13.27
C ASN D 126 27.57 -17.26 -12.14
N ASN D 127 26.29 -17.24 -12.51
CA ASN D 127 25.19 -17.24 -11.56
C ASN D 127 25.32 -18.42 -10.59
N ALA D 128 25.93 -19.50 -11.08
CA ALA D 128 26.20 -20.69 -10.27
C ALA D 128 27.08 -20.35 -9.06
N LYS D 132 18.80 -19.53 -5.87
CA LYS D 132 18.60 -18.09 -5.71
C LYS D 132 18.11 -17.77 -4.32
N GLN D 133 17.83 -18.80 -3.52
CA GLN D 133 17.39 -18.61 -2.15
C GLN D 133 18.47 -17.93 -1.31
N ARG D 134 19.66 -18.53 -1.32
CA ARG D 134 20.79 -17.99 -0.56
C ARG D 134 21.31 -16.67 -1.13
N PHE D 135 20.82 -16.30 -2.33
CA PHE D 135 21.19 -15.05 -3.01
C PHE D 135 20.51 -13.81 -2.43
N VAL D 136 19.18 -13.80 -2.49
CA VAL D 136 18.37 -12.70 -1.97
C VAL D 136 18.66 -12.40 -0.48
N GLU D 137 19.12 -13.42 0.26
CA GLU D 137 19.50 -13.25 1.66
C GLU D 137 20.57 -12.17 1.80
N PHE D 138 21.68 -12.35 1.08
CA PHE D 138 22.76 -11.36 1.09
C PHE D 138 22.36 -10.07 0.35
N LEU D 139 21.36 -10.16 -0.52
CA LEU D 139 20.87 -8.99 -1.26
C LEU D 139 20.00 -8.09 -0.39
N GLY D 140 19.15 -8.70 0.43
CA GLY D 140 18.33 -7.96 1.38
C GLY D 140 19.14 -7.41 2.53
N GLN D 141 20.18 -8.12 2.94
CA GLN D 141 21.01 -7.71 4.07
C GLN D 141 21.91 -6.52 3.75
N GLU D 142 22.32 -6.41 2.49
CA GLU D 142 23.16 -5.30 2.03
C GLU D 142 22.36 -4.02 1.74
N GLN D 143 21.11 -4.20 1.35
CA GLN D 143 20.21 -3.07 1.14
C GLN D 143 20.09 -2.28 2.44
N ASP D 144 19.94 -2.98 3.57
CA ASP D 144 19.86 -2.32 4.89
C ASP D 144 21.18 -1.66 5.27
N LYS D 145 22.26 -2.07 4.61
CA LYS D 145 23.58 -1.50 4.87
C LYS D 145 23.68 -0.16 4.15
N PHE D 146 23.00 -0.06 3.01
CA PHE D 146 23.04 1.14 2.21
C PHE D 146 22.23 2.24 2.88
N PHE D 147 20.94 1.97 3.06
CA PHE D 147 20.04 2.96 3.66
C PHE D 147 20.51 3.45 5.02
N THR D 148 21.26 2.63 5.73
CA THR D 148 21.83 3.10 7.00
C THR D 148 22.78 4.26 6.75
N TRP D 149 23.57 4.15 5.68
CA TRP D 149 24.56 5.15 5.30
C TRP D 149 24.00 6.36 4.56
N VAL D 150 22.96 6.15 3.77
CA VAL D 150 22.21 7.23 3.17
C VAL D 150 21.76 8.14 4.31
N LYS D 151 21.19 7.50 5.33
CA LYS D 151 20.70 8.19 6.52
C LYS D 151 21.83 8.94 7.24
N GLU D 152 23.06 8.47 7.04
CA GLU D 152 24.24 9.05 7.66
C GLU D 152 25.09 9.98 6.78
N ALA D 153 24.70 10.17 5.52
CA ALA D 153 25.55 10.89 4.55
C ALA D 153 25.97 12.28 5.05
N ASP D 154 27.18 12.72 4.68
CA ASP D 154 27.68 14.01 5.21
C ASP D 154 26.84 15.18 4.71
N SER D 155 26.34 15.96 5.65
CA SER D 155 25.47 17.10 5.36
C SER D 155 26.05 17.96 4.25
N SER D 156 27.21 18.54 4.51
CA SER D 156 27.90 19.40 3.56
C SER D 156 27.89 18.77 2.19
N ALA D 157 28.51 17.60 2.07
CA ALA D 157 28.57 16.87 0.80
C ALA D 157 27.21 16.72 0.11
N VAL D 158 26.18 16.37 0.88
CA VAL D 158 24.81 16.32 0.38
C VAL D 158 24.37 17.67 -0.17
N SER D 159 24.28 18.65 0.73
CA SER D 159 23.83 20.00 0.41
C SER D 159 24.55 20.56 -0.81
N LYS D 160 25.86 20.41 -0.85
CA LYS D 160 26.63 20.81 -2.03
C LYS D 160 26.11 20.08 -3.26
N ALA D 161 25.95 18.76 -3.17
CA ALA D 161 25.51 17.98 -4.32
C ALA D 161 24.14 18.44 -4.77
N PHE D 162 23.23 18.54 -3.81
CA PHE D 162 21.88 19.01 -4.06
C PHE D 162 21.81 20.35 -4.83
N ASP D 163 22.59 21.33 -4.41
CA ASP D 163 22.49 22.64 -5.04
C ASP D 163 22.95 22.63 -6.50
N GLN D 164 24.12 22.08 -6.74
CA GLN D 164 24.72 22.10 -8.09
C GLN D 164 23.84 21.43 -9.15
N ILE D 165 23.16 20.35 -8.74
CA ILE D 165 22.19 19.61 -9.56
C ILE D 165 20.87 20.37 -9.75
N TYR D 166 20.19 20.66 -8.63
CA TYR D 166 18.93 21.40 -8.66
C TYR D 166 19.04 22.64 -9.52
N SER D 167 20.12 23.40 -9.39
CA SER D 167 20.30 24.65 -10.15
C SER D 167 20.14 24.38 -11.65
N VAL D 168 20.54 23.17 -12.06
CA VAL D 168 20.41 22.74 -13.44
C VAL D 168 19.04 22.10 -13.64
N THR D 169 18.83 21.00 -12.95
CA THR D 169 17.61 20.20 -13.09
C THR D 169 16.32 21.02 -12.85
N TYR D 170 16.43 22.15 -12.14
CA TYR D 170 15.29 23.04 -11.92
C TYR D 170 14.88 23.67 -13.22
N LEU D 171 15.88 24.27 -13.86
CA LEU D 171 15.67 24.90 -15.16
C LEU D 171 15.21 23.87 -16.17
N LYS D 172 15.71 22.63 -16.07
CA LYS D 172 15.29 21.57 -17.01
C LYS D 172 13.77 21.40 -16.95
N TYR D 173 13.25 21.12 -15.76
CA TYR D 173 11.81 20.94 -15.61
C TYR D 173 11.04 22.20 -15.94
N LEU D 174 11.60 23.37 -15.61
CA LEU D 174 10.93 24.64 -15.87
C LEU D 174 10.72 24.85 -17.36
N ILE D 175 11.73 24.48 -18.12
CA ILE D 175 11.78 24.71 -19.54
C ILE D 175 10.83 23.76 -20.28
N GLU D 176 10.74 22.53 -19.79
CA GLU D 176 9.83 21.54 -20.37
C GLU D 176 8.38 21.98 -20.27
N ASP D 177 8.03 22.61 -19.15
CA ASP D 177 6.66 22.98 -18.91
C ASP D 177 6.30 24.21 -19.72
N TYR D 178 7.23 25.14 -19.82
CA TYR D 178 7.09 26.24 -20.75
C TYR D 178 6.82 25.67 -22.14
N LEU D 179 7.61 24.67 -22.54
CA LEU D 179 7.48 24.11 -23.88
C LEU D 179 6.06 23.63 -24.08
N SER D 180 5.66 22.59 -23.35
CA SER D 180 4.36 21.97 -23.53
C SER D 180 3.20 22.97 -23.46
N LEU D 181 3.37 24.06 -22.72
CA LEU D 181 2.35 25.09 -22.72
C LEU D 181 2.28 25.77 -24.08
N LEU D 182 3.44 26.05 -24.66
CA LEU D 182 3.50 26.74 -25.95
C LEU D 182 3.08 25.80 -27.08
N GLU D 183 3.55 24.55 -27.00
CA GLU D 183 3.20 23.55 -28.00
C GLU D 183 1.70 23.40 -28.07
N SER D 184 1.02 23.48 -26.91
CA SER D 184 -0.45 23.53 -26.87
C SER D 184 -0.98 22.38 -27.71
N ALA D 185 -1.38 22.72 -28.94
CA ALA D 185 -2.01 21.87 -29.97
C ALA D 185 -3.54 21.93 -29.98
N HIS D 186 -4.10 22.60 -28.99
CA HIS D 186 -5.46 23.13 -29.12
C HIS D 186 -5.40 24.59 -29.61
N LEU D 187 -4.20 25.02 -29.99
CA LEU D 187 -4.01 26.35 -30.55
C LEU D 187 -3.65 26.27 -32.05
N PRO D 188 -3.94 27.35 -32.81
CA PRO D 188 -3.57 27.39 -34.24
C PRO D 188 -2.06 27.48 -34.45
N THR D 189 -1.60 27.15 -35.66
CA THR D 189 -0.18 27.18 -36.00
C THR D 189 0.18 28.56 -36.59
N ASP D 190 0.97 29.33 -35.84
CA ASP D 190 1.44 30.65 -36.28
C ASP D 190 2.82 30.42 -36.90
N GLN D 191 3.40 31.46 -37.51
CA GLN D 191 4.82 31.44 -37.90
C GLN D 191 5.81 31.79 -36.77
N LEU D 192 5.53 32.88 -36.07
CA LEU D 192 6.38 33.35 -34.97
C LEU D 192 6.32 32.36 -33.83
N LYS D 193 5.10 31.89 -33.51
CA LYS D 193 4.93 30.89 -32.46
C LYS D 193 5.65 29.58 -32.80
N SER D 194 5.92 29.37 -34.08
CA SER D 194 6.64 28.20 -34.55
C SER D 194 8.15 28.32 -34.34
N SER D 195 8.77 29.36 -34.89
CA SER D 195 10.20 29.64 -34.66
C SER D 195 10.46 29.78 -33.17
N ARG D 196 9.50 30.37 -32.46
CA ARG D 196 9.54 30.40 -31.01
C ARG D 196 9.72 28.99 -30.46
N ILE D 197 8.87 28.06 -30.85
CA ILE D 197 9.05 26.66 -30.43
C ILE D 197 10.39 26.05 -30.91
N SER D 198 10.88 26.41 -32.08
CA SER D 198 12.14 25.80 -32.53
C SER D 198 13.25 26.25 -31.60
N LEU D 199 13.16 27.50 -31.15
CA LEU D 199 14.16 28.09 -30.27
C LEU D 199 14.23 27.30 -28.98
N VAL D 200 13.09 27.24 -28.31
CA VAL D 200 12.99 26.62 -27.00
C VAL D 200 13.45 25.16 -27.02
N VAL D 201 13.25 24.48 -28.15
CA VAL D 201 13.74 23.11 -28.31
C VAL D 201 15.27 23.03 -28.35
N ARG D 202 15.90 23.97 -29.07
CA ARG D 202 17.35 24.05 -29.14
C ARG D 202 17.87 24.29 -27.74
N LEU D 203 17.25 25.27 -27.08
CA LEU D 203 17.54 25.61 -25.69
C LEU D 203 17.41 24.39 -24.79
N ALA D 204 16.32 23.63 -24.95
CA ALA D 204 16.07 22.48 -24.08
C ALA D 204 17.12 21.39 -24.30
N LYS D 205 17.41 21.08 -25.57
CA LYS D 205 18.44 20.10 -25.90
C LYS D 205 19.81 20.57 -25.41
N TYR D 206 20.08 21.86 -25.56
CA TYR D 206 21.33 22.43 -25.10
C TYR D 206 21.55 22.25 -23.59
N LEU D 207 20.48 22.34 -22.82
CA LEU D 207 20.60 22.18 -21.38
C LEU D 207 20.82 20.71 -21.09
N HIS D 208 20.09 19.87 -21.81
CA HIS D 208 20.14 18.42 -21.66
C HIS D 208 21.60 17.94 -21.66
N GLU D 209 22.44 18.64 -22.42
CA GLU D 209 23.84 18.32 -22.55
C GLU D 209 24.76 19.03 -21.54
N GLN D 210 24.20 19.73 -20.57
CA GLN D 210 24.99 20.38 -19.51
C GLN D 210 24.96 19.63 -18.20
N THR D 211 26.13 19.32 -17.65
CA THR D 211 26.24 18.66 -16.34
C THR D 211 26.09 19.63 -15.17
N GLU D 212 26.55 20.87 -15.37
CA GLU D 212 26.59 21.84 -14.30
C GLU D 212 26.23 23.21 -14.86
N LEU D 213 25.75 24.10 -14.01
CA LEU D 213 25.26 25.36 -14.52
C LEU D 213 26.36 26.38 -14.30
N THR D 214 27.11 26.66 -15.36
CA THR D 214 28.32 27.46 -15.20
C THR D 214 28.05 28.83 -15.74
N GLN D 215 29.05 29.71 -15.67
CA GLN D 215 28.86 31.07 -16.13
C GLN D 215 28.59 31.05 -17.62
N ASP D 216 29.35 30.23 -18.34
CA ASP D 216 29.23 30.10 -19.78
C ASP D 216 27.83 29.63 -20.20
N VAL D 217 27.36 28.59 -19.52
CA VAL D 217 25.99 28.11 -19.69
C VAL D 217 25.01 29.24 -19.47
N HIS D 218 25.08 29.84 -18.28
CA HIS D 218 24.21 30.94 -17.88
C HIS D 218 24.18 32.04 -18.91
N ASP D 219 25.33 32.30 -19.51
CA ASP D 219 25.41 33.33 -20.54
C ASP D 219 24.75 32.89 -21.85
N GLU D 220 24.81 31.60 -22.14
CA GLU D 220 24.17 31.02 -23.34
C GLU D 220 22.66 30.99 -23.21
N ILE D 221 22.17 30.49 -22.07
CA ILE D 221 20.75 30.49 -21.79
C ILE D 221 20.16 31.87 -22.03
N ALA D 222 20.72 32.90 -21.41
CA ALA D 222 20.19 34.24 -21.61
C ALA D 222 20.19 34.68 -23.09
N VAL D 223 20.99 34.02 -23.92
CA VAL D 223 20.98 34.31 -25.35
C VAL D 223 19.63 33.89 -25.95
N TYR D 224 19.24 32.65 -25.67
CA TYR D 224 17.94 32.14 -26.08
C TYR D 224 16.81 33.06 -25.61
N VAL D 225 16.72 33.33 -24.31
CA VAL D 225 15.67 34.22 -23.81
C VAL D 225 15.67 35.61 -24.48
N LYS D 226 16.84 36.07 -24.91
CA LYS D 226 16.91 37.33 -25.62
C LYS D 226 16.21 37.20 -26.97
N LYS D 227 16.54 36.14 -27.70
CA LYS D 227 15.90 35.86 -29.00
C LYS D 227 14.39 35.77 -28.85
N LEU D 228 13.95 35.13 -27.78
CA LEU D 228 12.53 34.93 -27.52
C LEU D 228 11.77 36.25 -27.32
N TRP D 229 12.41 37.20 -26.67
CA TRP D 229 11.74 38.48 -26.47
C TRP D 229 11.56 39.20 -27.79
N GLU D 230 12.36 38.81 -28.77
CA GLU D 230 12.32 39.40 -30.11
C GLU D 230 11.32 38.67 -30.99
N MET D 231 10.84 37.52 -30.51
CA MET D 231 9.85 36.74 -31.25
C MET D 231 8.44 37.08 -30.79
N GLN D 232 8.31 38.13 -29.98
CA GLN D 232 7.02 38.62 -29.47
C GLN D 232 6.18 37.52 -28.82
N PRO D 233 6.56 37.09 -27.62
CA PRO D 233 5.82 36.01 -26.95
C PRO D 233 4.46 36.43 -26.40
N ALA D 234 3.60 35.43 -26.24
CA ALA D 234 2.28 35.59 -25.66
C ALA D 234 2.41 35.89 -24.18
N GLU D 235 1.47 36.67 -23.64
CA GLU D 235 1.53 37.14 -22.26
C GLU D 235 1.82 36.01 -21.28
N PHE D 236 1.16 34.89 -21.48
CA PHE D 236 1.45 33.73 -20.65
C PHE D 236 2.93 33.29 -20.64
N GLU D 237 3.68 33.51 -21.72
CA GLU D 237 5.09 33.09 -21.76
C GLU D 237 5.99 34.03 -20.95
N GLU D 238 5.50 35.24 -20.72
CA GLU D 238 6.32 36.26 -20.12
C GLU D 238 6.87 35.75 -18.80
N GLU D 239 5.98 35.35 -17.92
CA GLU D 239 6.40 34.86 -16.63
C GLU D 239 7.43 33.75 -16.69
N PHE D 240 7.32 32.86 -17.67
CA PHE D 240 8.27 31.77 -17.84
C PHE D 240 9.66 32.27 -18.20
N LEU D 241 9.71 33.19 -19.16
CA LEU D 241 10.99 33.74 -19.60
C LEU D 241 11.65 34.49 -18.44
N LYS D 242 10.84 35.09 -17.59
CA LYS D 242 11.39 35.88 -16.50
C LYS D 242 12.10 34.97 -15.49
N LYS D 243 11.47 33.85 -15.13
CA LYS D 243 12.05 32.95 -14.15
C LYS D 243 13.27 32.24 -14.71
N ILE D 244 13.38 32.18 -16.04
CA ILE D 244 14.52 31.53 -16.65
C ILE D 244 15.75 32.44 -16.66
N SER D 245 15.56 33.64 -17.20
CA SER D 245 16.60 34.65 -17.33
C SER D 245 16.03 36.05 -17.21
N PRO D 246 15.96 36.58 -15.97
CA PRO D 246 15.40 37.90 -15.64
C PRO D 246 16.08 39.07 -16.34
N LEU D 247 17.39 38.97 -16.52
CA LEU D 247 18.16 40.10 -17.07
C LEU D 247 17.72 40.53 -18.47
N PRO D 248 17.64 39.57 -19.43
CA PRO D 248 17.20 39.87 -20.80
C PRO D 248 15.90 40.63 -20.82
N PHE D 249 14.98 40.24 -19.94
CA PHE D 249 13.75 41.00 -19.77
C PHE D 249 13.98 42.45 -19.36
N ILE D 250 14.92 42.68 -18.43
CA ILE D 250 15.18 44.04 -17.95
C ILE D 250 15.71 44.91 -19.09
N ASP D 251 16.77 44.44 -19.75
CA ASP D 251 17.37 45.15 -20.87
C ASP D 251 16.35 45.54 -21.92
N ASN D 252 15.77 44.49 -22.49
CA ASN D 252 14.75 44.54 -23.53
C ASN D 252 13.64 45.56 -23.20
N THR D 253 13.13 45.49 -22.00
CA THR D 253 12.12 46.43 -21.50
C THR D 253 12.63 47.86 -21.29
N VAL D 254 13.75 48.01 -20.60
CA VAL D 254 14.19 49.33 -20.10
C VAL D 254 14.22 50.45 -21.16
N ARG D 255 14.80 50.16 -22.32
CA ARG D 255 14.90 51.15 -23.40
C ARG D 255 13.54 51.74 -23.81
N ILE D 256 12.49 50.90 -23.74
CA ILE D 256 11.13 51.24 -24.14
C ILE D 256 10.56 52.48 -23.40
N LEU D 257 10.70 52.49 -22.07
CA LEU D 257 10.32 53.66 -21.28
C LEU D 257 11.10 54.91 -21.73
#